data_9B19
#
_entry.id   9B19
#
_cell.length_a   1.00
_cell.length_b   1.00
_cell.length_c   1.00
_cell.angle_alpha   90.00
_cell.angle_beta   90.00
_cell.angle_gamma   90.00
#
_symmetry.space_group_name_H-M   'P 1'
#
loop_
_entity.id
_entity.type
_entity.pdbx_description
1 polymer 'Capsid protein VP1'
2 polymer 'viral protein 3'
3 polymer 'viral protein 2'
4 polymer 'Capsid protein VP4'
5 non-polymer N-{(4M)-4-[5-(aminomethyl)thiophen-2-yl]quinolin-8-yl}-4-[(propan-2-yl)oxy]benzamide
#
loop_
_entity_poly.entity_id
_entity_poly.type
_entity_poly.pdbx_seq_one_letter_code
_entity_poly.pdbx_strand_id
1 'polypeptide(L)'
;LDHLHAAEAAYQIESIIKTATDTVKSEINAELGVVPSLNAVETGATSNTEPEEAIQTRTVINQHGVSETLVENFLSRAAL
VSKRSFEYKDHTSSTARADKNFFKWTINTRSFVQLRRKLELFTYLRFDAEITILTTVAVNGSGNNTYVGLPDLTLQAMFV
PTGALTPEKQDSFHWQSGSNASVFFKISDPPARITIPFMCINSAYSVFYDGFAGFEKNGLYGINPADTIGNLCVRIVNEH
QPVGFTVTVRVYMKPKHIKAWAPRPPRTLPYMSIANANYKGKERAPNALSAIIGNRDSVKTMPHNIVNT
;
A
2 'polypeptide(L)'
;GVPTYLLPGSGQFLTTDDHSSAPALPCFNPTPEMHIPGQVRNMLEVVQVESMMEINNTESAVGMERLKVDISALTDVDQL
LFNIPLDIQLDGPLRNTLVGNISRYYTHWSGSLEMTFMFCGSFMAAGKLILCYTPPGGSCPTTRETAMLGTHIVWDFGLQ
SSVTLIIPWISGSHYRMFNNDAKSTNANVGYVTCFMQTNLIVPSESSDTCSLIGFIAAKDDFSLRLMRDSPDIGQLDHLH
AAEAAYQ
;
B
3 'polypeptide(L)'
;SPSAEACGYSDRVLQLKLGNSAIVTQEAANYCCAYGEWPNYLPDHEAVAIDKPTQPETATDRFYTLKSVKWETGSTGWWW
KLPDALNNIGMFGQNVQHHYLYRSGFLIHVQCNATKFHQGALLVVAIPEHQRGAHNTNTSPGFDDIMKGEEGGTFNHPYV
LDDGTSLACATIFPHQWINLRTNNSATIVLPWMNAAPMDFPLRHNQWTLAIIPVVPLGTRTTSSMVPITVSIAPMCCEFN
GLRHAITQ
;
C
4 'polypeptide(L)' MGAQVTRQQTGTHENANIATNGSHITYNQINFYKDSYAASASKQDFSQDPSKFTEPVVEGLKAGAPVLK D
#
# COMPACT_ATOMS: atom_id res chain seq x y z
N ILE A 13 1.10 -2.87 -21.13
CA ILE A 13 0.56 -4.12 -21.65
C ILE A 13 1.22 -5.28 -20.92
N GLU A 14 0.44 -6.32 -20.65
CA GLU A 14 0.94 -7.47 -19.92
C GLU A 14 1.99 -8.22 -20.73
N SER A 15 3.11 -8.55 -20.08
CA SER A 15 4.18 -9.29 -20.72
C SER A 15 4.91 -10.11 -19.67
N ILE A 16 5.58 -11.16 -20.13
CA ILE A 16 6.39 -12.02 -19.27
C ILE A 16 7.76 -11.37 -19.10
N ILE A 17 8.08 -10.99 -17.87
CA ILE A 17 9.33 -10.32 -17.53
C ILE A 17 10.15 -11.26 -16.66
N LYS A 18 11.28 -11.70 -17.18
CA LYS A 18 12.18 -12.56 -16.41
C LYS A 18 13.46 -11.88 -15.95
N THR A 19 13.91 -10.83 -16.64
CA THR A 19 15.13 -10.12 -16.29
C THR A 19 14.89 -8.62 -16.44
N ALA A 20 15.72 -7.84 -15.76
CA ALA A 20 15.70 -6.40 -15.93
C ALA A 20 16.05 -6.01 -17.36
N THR A 21 15.55 -4.87 -17.79
CA THR A 21 15.66 -4.46 -19.19
C THR A 21 17.08 -4.05 -19.56
N ASP A 22 17.43 -4.33 -20.81
CA ASP A 22 18.65 -3.84 -21.44
C ASP A 22 18.63 -2.33 -21.61
N THR A 23 19.84 -1.75 -21.68
CA THR A 23 20.05 -0.37 -22.07
C THR A 23 20.64 -0.32 -23.48
N VAL A 24 20.10 0.55 -24.34
CA VAL A 24 20.61 0.78 -25.68
C VAL A 24 21.50 2.03 -25.68
N LYS A 25 22.52 2.02 -26.53
CA LYS A 25 23.33 3.23 -26.70
C LYS A 25 22.50 4.35 -27.32
N SER A 26 22.82 5.59 -26.95
CA SER A 26 22.13 6.76 -27.45
C SER A 26 23.10 7.86 -27.84
N GLU A 27 22.68 8.67 -28.81
CA GLU A 27 23.45 9.77 -29.35
C GLU A 27 22.99 11.12 -28.78
N ILE A 28 23.64 12.18 -29.25
CA ILE A 28 23.19 13.55 -29.07
C ILE A 28 21.84 13.81 -29.74
N ASN A 29 20.97 14.59 -29.08
CA ASN A 29 19.64 14.83 -29.63
C ASN A 29 19.40 16.17 -30.32
N ALA A 30 19.13 17.25 -29.58
CA ALA A 30 18.84 18.58 -30.16
C ALA A 30 17.68 18.62 -31.17
N GLU A 31 16.52 18.08 -30.80
CA GLU A 31 15.35 18.07 -31.69
C GLU A 31 14.26 19.03 -31.19
N LEU A 32 13.82 19.93 -32.07
CA LEU A 32 12.72 20.83 -31.72
C LEU A 32 11.39 20.09 -31.58
N GLY A 33 10.62 20.48 -30.59
CA GLY A 33 9.32 19.91 -30.30
C GLY A 33 9.33 18.59 -29.55
N VAL A 34 10.50 18.06 -29.20
CA VAL A 34 10.63 16.79 -28.49
C VAL A 34 11.29 17.05 -27.13
N VAL A 35 10.58 16.74 -26.06
CA VAL A 35 11.03 17.09 -24.71
C VAL A 35 10.79 15.93 -23.74
N PRO A 36 11.48 14.80 -23.91
CA PRO A 36 11.15 13.61 -23.11
C PRO A 36 11.40 13.74 -21.61
N SER A 37 12.22 14.69 -21.15
CA SER A 37 12.41 14.94 -19.72
C SER A 37 11.30 15.80 -19.09
N LEU A 38 10.48 16.48 -19.87
CA LEU A 38 9.31 17.14 -19.30
C LEU A 38 8.16 16.16 -19.15
N ASN A 39 7.40 16.33 -18.06
CA ASN A 39 6.29 15.44 -17.70
C ASN A 39 5.16 16.27 -17.12
N ALA A 40 4.02 15.64 -16.92
CA ALA A 40 2.87 16.24 -16.22
C ALA A 40 2.35 15.29 -15.14
N VAL A 41 2.86 15.47 -13.92
CA VAL A 41 2.46 14.69 -12.74
C VAL A 41 0.96 14.76 -12.48
N GLU A 42 0.29 15.86 -12.84
CA GLU A 42 -1.14 16.03 -12.60
C GLU A 42 -2.00 14.96 -13.26
N THR A 43 -1.56 14.39 -14.39
CA THR A 43 -2.31 13.29 -14.99
C THR A 43 -2.42 12.08 -14.07
N GLY A 44 -1.52 11.93 -13.11
CA GLY A 44 -1.41 10.74 -12.30
C GLY A 44 -0.57 9.63 -12.89
N ALA A 45 -0.07 9.77 -14.11
CA ALA A 45 0.91 8.84 -14.65
C ALA A 45 2.29 9.13 -14.07
N THR A 46 3.07 8.06 -13.86
CA THR A 46 4.48 8.18 -13.53
C THR A 46 5.29 8.58 -14.77
N SER A 47 6.37 9.32 -14.54
CA SER A 47 7.32 9.73 -15.57
C SER A 47 7.75 8.60 -16.48
N ASN A 48 7.64 8.84 -17.79
CA ASN A 48 8.06 7.89 -18.81
C ASN A 48 9.45 8.19 -19.40
N THR A 49 10.18 9.16 -18.87
CA THR A 49 11.52 9.48 -19.36
C THR A 49 12.47 8.28 -19.28
N GLU A 50 13.02 7.92 -20.37
CA GLU A 50 14.00 6.86 -20.30
C GLU A 50 15.41 7.39 -20.09
N PRO A 51 16.28 6.58 -19.47
CA PRO A 51 17.70 6.94 -19.37
C PRO A 51 18.36 7.31 -20.69
N GLU A 52 18.09 6.56 -21.77
CA GLU A 52 18.62 6.89 -23.09
C GLU A 52 18.21 8.28 -23.57
N GLU A 53 17.12 8.81 -23.06
CA GLU A 53 16.67 10.14 -23.42
C GLU A 53 17.26 11.22 -22.53
N ALA A 54 17.62 10.88 -21.29
CA ALA A 54 18.18 11.86 -20.36
C ALA A 54 19.68 12.09 -20.58
N ILE A 55 20.43 11.04 -20.89
CA ILE A 55 21.88 11.09 -21.05
C ILE A 55 22.27 10.25 -22.26
N GLN A 56 23.50 10.41 -22.71
CA GLN A 56 24.11 9.42 -23.59
C GLN A 56 24.44 8.14 -22.82
N THR A 57 23.99 7.02 -23.35
CA THR A 57 24.17 5.70 -22.76
C THR A 57 25.02 4.82 -23.65
N ARG A 58 25.62 3.79 -23.06
CA ARG A 58 26.13 2.65 -23.81
C ARG A 58 25.07 1.55 -23.93
N THR A 59 25.37 0.53 -24.73
CA THR A 59 24.64 -0.74 -24.69
C THR A 59 25.06 -1.58 -23.50
N VAL A 60 24.07 -2.05 -22.73
CA VAL A 60 24.26 -3.00 -21.65
C VAL A 60 23.26 -4.14 -21.84
N ILE A 61 23.76 -5.36 -21.95
CA ILE A 61 22.93 -6.55 -21.93
C ILE A 61 22.74 -6.97 -20.48
N ASN A 62 21.50 -6.90 -19.99
CA ASN A 62 21.21 -7.01 -18.56
C ASN A 62 20.73 -8.42 -18.22
N GLN A 63 21.45 -9.11 -17.34
CA GLN A 63 21.17 -10.49 -16.99
C GLN A 63 20.56 -10.67 -15.60
N HIS A 64 20.28 -9.59 -14.87
CA HIS A 64 19.73 -9.66 -13.52
C HIS A 64 18.30 -10.21 -13.51
N GLY A 65 18.10 -11.32 -12.82
CA GLY A 65 16.78 -11.89 -12.64
C GLY A 65 15.90 -11.08 -11.72
N VAL A 66 14.59 -11.25 -11.87
CA VAL A 66 13.58 -10.57 -11.06
C VAL A 66 12.75 -11.53 -10.22
N SER A 67 13.16 -12.79 -10.10
CA SER A 67 12.31 -13.80 -9.46
C SER A 67 12.18 -13.60 -7.95
N GLU A 68 13.16 -12.99 -7.29
CA GLU A 68 13.06 -12.85 -5.85
C GLU A 68 12.04 -11.79 -5.42
N THR A 69 11.60 -10.92 -6.32
CA THR A 69 10.50 -10.00 -6.04
C THR A 69 9.14 -10.48 -6.55
N LEU A 70 9.04 -11.70 -7.07
CA LEU A 70 7.72 -12.29 -7.28
C LEU A 70 6.92 -12.28 -6.00
N VAL A 71 5.63 -11.98 -6.12
CA VAL A 71 4.74 -11.91 -4.97
C VAL A 71 4.67 -13.25 -4.24
N GLU A 72 4.71 -14.36 -4.98
CA GLU A 72 4.80 -15.67 -4.34
C GLU A 72 6.02 -15.76 -3.43
N ASN A 73 7.18 -15.34 -3.93
CA ASN A 73 8.40 -15.42 -3.14
C ASN A 73 8.43 -14.40 -2.01
N PHE A 74 7.88 -13.20 -2.25
CA PHE A 74 7.85 -12.17 -1.22
C PHE A 74 7.03 -12.58 -0.01
N LEU A 75 5.89 -13.23 -0.22
CA LEU A 75 5.03 -13.62 0.89
C LEU A 75 5.16 -15.05 1.36
N SER A 76 5.54 -16.02 0.51
CA SER A 76 5.54 -17.43 0.93
C SER A 76 6.82 -17.81 1.68
N ARG A 77 6.91 -17.30 2.89
CA ARG A 77 7.84 -17.78 3.90
C ARG A 77 7.14 -17.80 5.24
N ALA A 78 7.46 -18.79 6.06
CA ALA A 78 6.73 -19.06 7.30
C ALA A 78 7.02 -18.01 8.37
N ALA A 79 5.97 -17.42 8.93
CA ALA A 79 6.08 -16.42 9.98
C ALA A 79 5.24 -16.81 11.17
N LEU A 80 5.71 -16.41 12.36
CA LEU A 80 4.98 -16.67 13.60
C LEU A 80 3.66 -15.91 13.64
N VAL A 81 2.57 -16.64 13.84
CA VAL A 81 1.25 -16.05 14.00
C VAL A 81 0.70 -16.21 15.41
N SER A 82 1.13 -17.23 16.15
CA SER A 82 0.59 -17.43 17.48
C SER A 82 1.66 -18.01 18.39
N LYS A 83 1.66 -17.57 19.65
CA LYS A 83 2.61 -18.07 20.62
C LYS A 83 1.91 -18.08 21.97
N ARG A 84 1.73 -19.25 22.56
CA ARG A 84 1.08 -19.37 23.86
C ARG A 84 1.85 -20.31 24.78
N SER A 85 2.12 -19.84 26.00
CA SER A 85 2.67 -20.65 27.07
C SER A 85 1.59 -20.96 28.10
N PHE A 86 1.57 -22.21 28.57
CA PHE A 86 0.64 -22.61 29.62
C PHE A 86 1.29 -23.64 30.54
N GLU A 87 0.78 -23.69 31.77
CA GLU A 87 1.22 -24.65 32.78
C GLU A 87 0.66 -26.02 32.48
N TYR A 88 1.54 -27.01 32.41
CA TYR A 88 1.16 -28.42 32.40
C TYR A 88 1.35 -29.01 33.79
N LYS A 89 0.26 -29.12 34.54
CA LYS A 89 0.29 -29.52 35.93
C LYS A 89 -1.10 -29.98 36.36
N ASP A 90 -1.17 -30.51 37.57
CA ASP A 90 -2.42 -30.63 38.29
C ASP A 90 -2.99 -29.24 38.56
N HIS A 91 -4.16 -28.96 37.99
CA HIS A 91 -4.74 -27.63 38.02
C HIS A 91 -5.89 -27.47 39.01
N THR A 92 -6.17 -28.47 39.85
CA THR A 92 -7.34 -28.41 40.72
C THR A 92 -7.43 -27.14 41.55
N SER A 93 -6.30 -26.57 41.94
CA SER A 93 -6.28 -25.35 42.71
C SER A 93 -6.11 -24.07 41.88
N SER A 94 -6.01 -24.17 40.55
CA SER A 94 -5.77 -22.97 39.77
C SER A 94 -7.08 -22.24 39.50
N THR A 95 -6.97 -20.92 39.33
CA THR A 95 -8.13 -20.02 39.26
C THR A 95 -8.74 -19.90 37.86
N ALA A 98 -6.77 -19.15 34.04
CA ALA A 98 -5.59 -19.93 33.67
C ALA A 98 -5.91 -20.94 32.58
N ASP A 99 -4.89 -21.28 31.79
CA ASP A 99 -4.96 -22.34 30.79
C ASP A 99 -4.68 -23.69 31.43
N LYS A 100 -5.74 -24.45 31.72
CA LYS A 100 -5.64 -25.69 32.49
C LYS A 100 -5.33 -26.87 31.57
N ASN A 101 -4.06 -26.98 31.18
CA ASN A 101 -3.50 -27.97 30.26
C ASN A 101 -4.01 -27.84 28.82
N PHE A 102 -4.73 -26.79 28.49
CA PHE A 102 -5.15 -26.55 27.13
C PHE A 102 -5.34 -25.05 26.97
N PHE A 103 -5.34 -24.59 25.73
CA PHE A 103 -5.73 -23.23 25.42
C PHE A 103 -6.57 -23.19 24.15
N LYS A 104 -7.32 -22.11 24.00
CA LYS A 104 -8.06 -21.79 22.79
C LYS A 104 -7.47 -20.51 22.20
N TRP A 105 -7.23 -20.49 20.89
CA TRP A 105 -6.82 -19.29 20.18
C TRP A 105 -7.77 -18.94 19.04
N THR A 106 -8.30 -17.72 19.05
CA THR A 106 -9.06 -17.19 17.92
C THR A 106 -8.10 -16.73 16.82
N ILE A 107 -8.13 -17.43 15.69
CA ILE A 107 -7.10 -17.31 14.66
C ILE A 107 -7.13 -15.93 14.02
N ASN A 108 -5.96 -15.29 13.93
CA ASN A 108 -5.81 -14.00 13.28
C ASN A 108 -4.38 -13.84 12.76
N THR A 109 -4.20 -12.90 11.83
CA THR A 109 -2.89 -12.56 11.31
C THR A 109 -2.34 -11.22 11.82
N ARG A 110 -2.99 -10.58 12.78
CA ARG A 110 -2.68 -9.21 13.16
C ARG A 110 -1.77 -9.07 14.37
N SER A 111 -1.36 -10.17 15.01
CA SER A 111 -0.67 -10.07 16.30
C SER A 111 0.83 -9.82 16.20
N PHE A 112 1.52 -10.34 15.20
CA PHE A 112 2.96 -10.16 15.08
C PHE A 112 3.25 -9.28 13.87
N VAL A 113 3.95 -8.17 14.11
CA VAL A 113 3.92 -7.03 13.20
C VAL A 113 4.66 -7.28 11.89
N GLN A 114 5.67 -8.16 11.88
CA GLN A 114 6.41 -8.39 10.65
C GLN A 114 5.53 -9.00 9.56
N LEU A 115 4.79 -10.05 9.90
CA LEU A 115 3.81 -10.60 8.96
C LEU A 115 2.69 -9.61 8.66
N ARG A 116 2.15 -8.96 9.70
CA ARG A 116 1.08 -7.99 9.50
C ARG A 116 1.44 -6.91 8.48
N ARG A 117 2.61 -6.28 8.63
CA ARG A 117 2.99 -5.21 7.70
C ARG A 117 3.13 -5.71 6.25
N LYS A 118 3.70 -6.90 6.05
CA LYS A 118 3.80 -7.45 4.71
C LYS A 118 2.43 -7.73 4.10
N LEU A 119 1.53 -8.33 4.85
CA LEU A 119 0.19 -8.61 4.33
C LEU A 119 -0.56 -7.33 3.99
N GLU A 120 -0.45 -6.32 4.85
CA GLU A 120 -1.10 -5.04 4.67
C GLU A 120 -0.50 -4.18 3.56
N LEU A 121 0.49 -4.67 2.81
CA LEU A 121 0.85 -4.02 1.56
C LEU A 121 -0.18 -4.22 0.46
N PHE A 122 -1.16 -5.07 0.67
CA PHE A 122 -2.16 -5.42 -0.34
C PHE A 122 -3.55 -5.23 0.23
N THR A 123 -4.51 -5.00 -0.67
CA THR A 123 -5.91 -4.90 -0.29
C THR A 123 -6.60 -6.25 -0.26
N TYR A 124 -6.37 -7.09 -1.25
CA TYR A 124 -6.96 -8.43 -1.31
C TYR A 124 -5.88 -9.48 -1.54
N LEU A 125 -6.02 -10.59 -0.83
CA LEU A 125 -5.14 -11.74 -0.95
C LEU A 125 -5.96 -13.02 -1.01
N ARG A 126 -5.59 -13.91 -1.93
CA ARG A 126 -6.11 -15.28 -1.96
C ARG A 126 -4.94 -16.24 -1.82
N PHE A 127 -4.98 -17.08 -0.79
CA PHE A 127 -3.91 -18.06 -0.59
C PHE A 127 -4.36 -19.19 0.31
N ASP A 128 -3.70 -20.33 0.14
CA ASP A 128 -3.70 -21.44 1.10
C ASP A 128 -2.64 -21.22 2.17
N ALA A 129 -2.91 -21.71 3.38
CA ALA A 129 -2.06 -21.51 4.55
C ALA A 129 -1.37 -22.81 4.98
N GLU A 130 -0.06 -22.89 4.77
CA GLU A 130 0.76 -23.95 5.37
C GLU A 130 1.05 -23.63 6.83
N ILE A 131 0.58 -24.48 7.75
CA ILE A 131 0.68 -24.27 9.19
C ILE A 131 1.70 -25.23 9.79
N THR A 132 2.67 -24.68 10.51
CA THR A 132 3.67 -25.46 11.24
C THR A 132 3.56 -25.17 12.73
N ILE A 133 3.43 -26.23 13.53
CA ILE A 133 3.24 -26.12 14.97
C ILE A 133 4.49 -26.63 15.68
N LEU A 134 5.16 -25.73 16.40
CA LEU A 134 6.39 -26.03 17.12
C LEU A 134 6.13 -25.98 18.63
N THR A 135 6.52 -27.02 19.35
CA THR A 135 6.28 -27.11 20.79
C THR A 135 7.59 -27.26 21.54
N THR A 136 7.72 -26.56 22.66
CA THR A 136 8.89 -26.64 23.51
C THR A 136 8.44 -26.67 24.96
N VAL A 137 9.23 -27.30 25.84
CA VAL A 137 8.84 -27.52 27.22
C VAL A 137 10.00 -27.20 28.16
N ALA A 138 9.68 -26.61 29.30
CA ALA A 138 10.62 -26.37 30.39
C ALA A 138 10.03 -26.83 31.71
N VAL A 139 10.89 -27.39 32.57
CA VAL A 139 10.50 -27.74 33.93
C VAL A 139 10.30 -26.49 34.78
N ASN A 140 9.24 -26.49 35.59
CA ASN A 140 9.02 -25.42 36.53
C ASN A 140 9.99 -25.51 37.71
N GLY A 141 10.45 -24.35 38.17
CA GLY A 141 11.34 -24.29 39.30
C GLY A 141 10.62 -24.40 40.63
N TYR A 147 15.70 -30.28 38.53
CA TYR A 147 15.53 -30.74 37.16
C TYR A 147 15.26 -32.23 37.12
N VAL A 148 14.41 -32.64 36.18
CA VAL A 148 13.89 -34.00 36.12
C VAL A 148 13.98 -34.61 34.73
N GLY A 149 14.56 -33.91 33.76
CA GLY A 149 14.38 -34.26 32.36
C GLY A 149 13.08 -33.75 31.80
N LEU A 150 12.98 -33.79 30.49
CA LEU A 150 11.82 -33.25 29.79
C LEU A 150 10.92 -34.36 29.27
N PRO A 151 9.63 -34.32 29.58
CA PRO A 151 8.72 -35.38 29.11
C PRO A 151 8.42 -35.24 27.61
N ASP A 152 8.36 -36.37 26.94
CA ASP A 152 7.95 -36.45 25.53
C ASP A 152 6.42 -36.54 25.44
N LEU A 153 5.76 -35.40 25.64
CA LEU A 153 4.31 -35.32 25.66
C LEU A 153 3.68 -35.47 24.27
N THR A 154 2.44 -35.94 24.26
CA THR A 154 1.58 -35.90 23.10
C THR A 154 0.63 -34.70 23.20
N LEU A 155 0.55 -33.92 22.13
CA LEU A 155 -0.38 -32.81 22.04
C LEU A 155 -1.47 -33.12 21.03
N GLN A 156 -2.66 -32.59 21.28
CA GLN A 156 -3.72 -32.56 20.27
C GLN A 156 -4.04 -31.11 19.94
N ALA A 157 -3.90 -30.74 18.67
CA ALA A 157 -4.49 -29.54 18.11
C ALA A 157 -5.79 -29.90 17.39
N MET A 158 -6.85 -29.14 17.65
CA MET A 158 -8.14 -29.32 16.99
C MET A 158 -8.63 -28.00 16.42
N PHE A 159 -9.01 -28.02 15.15
CA PHE A 159 -9.59 -26.85 14.50
C PHE A 159 -11.10 -26.84 14.72
N VAL A 160 -11.59 -25.75 15.33
CA VAL A 160 -13.01 -25.58 15.63
C VAL A 160 -13.55 -24.47 14.75
N PRO A 161 -14.27 -24.80 13.68
CA PRO A 161 -14.87 -23.77 12.82
C PRO A 161 -15.92 -22.95 13.55
N THR A 162 -16.33 -21.87 12.89
CA THR A 162 -17.45 -21.05 13.30
C THR A 162 -18.68 -21.90 13.62
N GLY A 163 -19.26 -21.65 14.79
CA GLY A 163 -20.47 -22.31 15.23
C GLY A 163 -20.31 -23.69 15.83
N ALA A 164 -19.13 -24.28 15.75
CA ALA A 164 -18.82 -25.48 16.50
C ALA A 164 -18.47 -25.12 17.95
N LEU A 165 -18.70 -26.08 18.84
CA LEU A 165 -18.45 -25.93 20.26
C LEU A 165 -16.96 -26.10 20.60
N THR A 166 -16.41 -25.13 21.32
CA THR A 166 -15.05 -25.24 21.82
C THR A 166 -14.98 -26.05 23.13
N PRO A 167 -13.89 -26.81 23.32
CA PRO A 167 -13.68 -27.53 24.58
C PRO A 167 -13.65 -26.65 25.81
N GLU A 168 -14.27 -27.13 26.88
CA GLU A 168 -14.29 -26.45 28.16
C GLU A 168 -13.18 -26.92 29.10
N LYS A 169 -12.68 -28.14 28.91
CA LYS A 169 -11.76 -28.79 29.82
C LYS A 169 -10.77 -29.60 28.99
N GLN A 170 -9.65 -29.93 29.63
CA GLN A 170 -8.66 -30.80 29.01
C GLN A 170 -9.25 -32.14 28.58
N ASP A 171 -10.18 -32.68 29.36
CA ASP A 171 -10.76 -33.99 29.11
C ASP A 171 -12.22 -33.95 28.66
N SER A 172 -12.72 -32.81 28.20
CA SER A 172 -14.09 -32.77 27.71
C SER A 172 -14.25 -33.61 26.44
N PHE A 173 -15.46 -34.12 26.25
CA PHE A 173 -15.79 -34.96 25.12
C PHE A 173 -15.75 -34.22 23.78
N HIS A 174 -15.63 -32.90 23.75
CA HIS A 174 -15.35 -32.20 22.49
C HIS A 174 -14.08 -32.71 21.82
N TRP A 175 -13.08 -33.13 22.61
CA TRP A 175 -11.83 -33.63 22.05
C TRP A 175 -11.97 -34.95 21.31
N GLN A 176 -13.11 -35.63 21.39
CA GLN A 176 -13.30 -36.85 20.61
C GLN A 176 -13.33 -36.59 19.11
N SER A 177 -13.56 -35.34 18.68
CA SER A 177 -13.26 -34.86 17.32
C SER A 177 -13.91 -35.71 16.22
N GLY A 178 -15.21 -35.97 16.36
CA GLY A 178 -15.88 -36.80 15.37
C GLY A 178 -15.81 -36.24 13.96
N SER A 179 -15.92 -34.92 13.81
CA SER A 179 -15.89 -34.27 12.50
C SER A 179 -14.95 -33.09 12.41
N ASN A 180 -14.49 -32.53 13.51
CA ASN A 180 -13.39 -31.58 13.46
C ASN A 180 -12.12 -32.28 12.99
N ALA A 181 -11.29 -31.54 12.25
CA ALA A 181 -9.92 -31.97 11.97
C ALA A 181 -9.04 -31.76 13.19
N SER A 182 -8.39 -32.82 13.64
CA SER A 182 -7.39 -32.80 14.69
C SER A 182 -6.08 -33.37 14.19
N VAL A 183 -4.97 -32.84 14.70
CA VAL A 183 -3.66 -33.45 14.53
C VAL A 183 -3.07 -33.78 15.91
N PHE A 184 -2.59 -35.00 16.07
CA PHE A 184 -1.87 -35.44 17.25
C PHE A 184 -0.39 -35.51 16.94
N PHE A 185 0.43 -34.92 17.79
CA PHE A 185 1.86 -34.82 17.53
C PHE A 185 2.64 -34.89 18.83
N LYS A 186 3.84 -35.45 18.76
CA LYS A 186 4.75 -35.55 19.89
C LYS A 186 5.70 -34.37 19.92
N ILE A 187 6.18 -34.06 21.12
CA ILE A 187 7.28 -33.12 21.29
C ILE A 187 8.58 -33.62 20.66
N SER A 188 8.82 -34.92 20.69
CA SER A 188 9.99 -35.48 20.01
C SER A 188 9.87 -35.50 18.49
N ASP A 189 8.67 -35.36 17.93
CA ASP A 189 8.53 -35.28 16.49
C ASP A 189 9.18 -34.00 15.95
N PRO A 190 9.47 -33.97 14.65
CA PRO A 190 9.51 -32.69 13.92
C PRO A 190 8.23 -31.92 14.12
N PRO A 191 8.26 -30.60 13.95
CA PRO A 191 7.02 -29.80 14.02
C PRO A 191 5.88 -30.36 13.19
N ALA A 192 4.68 -30.36 13.78
CA ALA A 192 3.48 -30.77 13.07
C ALA A 192 3.18 -29.80 11.92
N ARG A 193 2.74 -30.33 10.78
CA ARG A 193 2.46 -29.49 9.62
C ARG A 193 1.21 -29.94 8.88
N ILE A 194 0.35 -28.97 8.54
CA ILE A 194 -0.85 -29.19 7.73
C ILE A 194 -1.06 -27.97 6.84
N THR A 195 -1.77 -28.17 5.74
CA THR A 195 -2.24 -27.06 4.91
C THR A 195 -3.74 -26.84 5.11
N ILE A 196 -4.13 -25.60 5.30
CA ILE A 196 -5.52 -25.18 5.22
C ILE A 196 -5.77 -24.52 3.87
N PRO A 197 -6.84 -24.87 3.17
CA PRO A 197 -7.14 -24.21 1.90
C PRO A 197 -7.57 -22.76 2.12
N PHE A 198 -7.52 -22.00 1.03
CA PHE A 198 -8.24 -20.74 0.96
C PHE A 198 -9.70 -20.94 1.28
N MET A 199 -10.19 -20.36 2.37
CA MET A 199 -11.48 -20.74 2.92
C MET A 199 -12.42 -19.56 3.09
N CYS A 200 -12.12 -18.41 2.50
CA CYS A 200 -13.02 -17.27 2.50
C CYS A 200 -14.32 -17.58 1.76
N ILE A 201 -15.43 -17.00 2.23
CA ILE A 201 -16.67 -17.08 1.47
C ILE A 201 -16.70 -16.15 0.28
N ASN A 202 -15.72 -15.27 0.14
CA ASN A 202 -15.46 -14.48 -1.05
C ASN A 202 -14.28 -15.05 -1.82
N SER A 203 -14.03 -14.49 -3.01
CA SER A 203 -12.92 -14.90 -3.85
C SER A 203 -11.56 -14.46 -3.32
N ALA A 204 -11.51 -13.49 -2.40
CA ALA A 204 -10.27 -13.12 -1.75
C ALA A 204 -10.58 -12.69 -0.32
N TYR A 205 -9.57 -12.80 0.54
CA TYR A 205 -9.61 -12.17 1.83
C TYR A 205 -9.55 -10.65 1.70
N SER A 206 -10.26 -9.97 2.58
CA SER A 206 -10.17 -8.52 2.73
C SER A 206 -9.12 -8.19 3.78
N VAL A 207 -7.93 -7.79 3.33
CA VAL A 207 -6.88 -7.39 4.27
C VAL A 207 -7.28 -6.11 4.99
N PHE A 208 -7.98 -5.21 4.32
CA PHE A 208 -8.61 -4.06 4.95
C PHE A 208 -10.11 -4.10 4.67
N TYR A 209 -10.89 -3.57 5.59
CA TYR A 209 -12.34 -3.61 5.44
C TYR A 209 -12.95 -2.30 5.94
N ASP A 210 -13.34 -1.44 5.01
CA ASP A 210 -14.00 -0.18 5.34
C ASP A 210 -15.50 -0.40 5.55
N GLY A 211 -15.83 -1.18 6.57
CA GLY A 211 -17.21 -1.57 6.76
C GLY A 211 -17.45 -2.14 8.13
N PHE A 212 -18.72 -2.50 8.37
CA PHE A 212 -19.20 -2.96 9.66
C PHE A 212 -19.74 -4.38 9.53
N ALA A 213 -19.49 -5.18 10.56
CA ALA A 213 -19.69 -6.63 10.49
C ALA A 213 -21.15 -7.08 10.61
N GLY A 214 -22.06 -6.25 11.12
CA GLY A 214 -23.42 -6.68 11.35
C GLY A 214 -24.43 -5.70 10.77
N PHE A 215 -25.68 -6.16 10.70
CA PHE A 215 -26.78 -5.35 10.20
C PHE A 215 -27.22 -4.26 11.17
N GLU A 216 -26.95 -4.40 12.45
CA GLU A 216 -27.12 -3.30 13.38
C GLU A 216 -25.87 -2.42 13.40
N LYS A 217 -26.00 -1.25 14.02
CA LYS A 217 -24.90 -0.28 14.05
C LYS A 217 -23.77 -0.62 15.01
N ASN A 218 -23.96 -1.57 15.92
CA ASN A 218 -22.96 -1.88 16.93
C ASN A 218 -21.94 -2.94 16.51
N GLY A 219 -22.03 -3.50 15.31
CA GLY A 219 -21.07 -4.49 14.87
C GLY A 219 -19.67 -3.93 14.72
N LEU A 220 -18.69 -4.82 14.74
CA LEU A 220 -17.29 -4.42 14.66
C LEU A 220 -16.98 -3.71 13.35
N TYR A 221 -16.31 -2.56 13.47
CA TYR A 221 -15.69 -1.94 12.32
C TYR A 221 -14.40 -2.66 11.94
N GLY A 222 -14.14 -2.75 10.65
CA GLY A 222 -12.83 -3.07 10.14
C GLY A 222 -12.49 -4.53 9.96
N ILE A 223 -13.39 -5.46 10.29
CA ILE A 223 -13.18 -6.89 10.09
C ILE A 223 -14.27 -7.42 9.18
N ASN A 224 -13.89 -7.98 8.05
CA ASN A 224 -14.88 -8.59 7.16
C ASN A 224 -15.33 -9.92 7.75
N PRO A 225 -16.62 -10.08 8.07
CA PRO A 225 -17.12 -11.37 8.57
C PRO A 225 -16.79 -12.54 7.65
N ALA A 226 -16.69 -12.28 6.35
CA ALA A 226 -16.36 -13.28 5.36
C ALA A 226 -15.00 -13.96 5.55
N ASP A 227 -14.08 -13.34 6.28
CA ASP A 227 -12.73 -13.88 6.45
C ASP A 227 -12.53 -14.64 7.76
N THR A 228 -13.60 -14.96 8.49
CA THR A 228 -13.48 -15.68 9.75
C THR A 228 -12.96 -17.11 9.55
N ILE A 229 -11.84 -17.44 10.20
CA ILE A 229 -11.26 -18.76 10.10
C ILE A 229 -11.85 -19.71 11.14
N GLY A 230 -11.86 -19.32 12.42
CA GLY A 230 -12.31 -20.18 13.51
C GLY A 230 -11.39 -20.20 14.71
N ASN A 231 -11.35 -21.29 15.47
CA ASN A 231 -10.52 -21.41 16.64
C ASN A 231 -9.56 -22.58 16.53
N LEU A 232 -8.35 -22.38 17.04
CA LEU A 232 -7.39 -23.44 17.27
C LEU A 232 -7.40 -23.81 18.75
N CYS A 233 -7.74 -25.05 19.06
CA CYS A 233 -7.71 -25.57 20.41
C CYS A 233 -6.58 -26.60 20.54
N VAL A 234 -5.69 -26.38 21.50
CA VAL A 234 -4.54 -27.24 21.73
C VAL A 234 -4.57 -27.72 23.18
N ARG A 235 -4.54 -29.03 23.37
CA ARG A 235 -4.39 -29.63 24.69
C ARG A 235 -3.16 -30.51 24.74
N ILE A 236 -2.62 -30.68 25.92
CA ILE A 236 -1.81 -31.85 26.23
C ILE A 236 -2.73 -33.05 26.47
N VAL A 237 -2.45 -34.15 25.77
CA VAL A 237 -3.27 -35.35 25.89
C VAL A 237 -2.92 -36.14 27.13
N ASN A 238 -1.66 -36.17 27.52
CA ASN A 238 -1.24 -36.79 28.77
C ASN A 238 -1.96 -36.18 29.96
N GLU A 239 -2.36 -37.03 30.90
CA GLU A 239 -2.65 -36.63 32.27
C GLU A 239 -1.47 -35.87 32.86
N HIS A 240 -1.73 -35.04 33.88
CA HIS A 240 -0.63 -34.34 34.52
C HIS A 240 0.31 -35.29 35.23
N GLN A 241 1.58 -34.91 35.28
CA GLN A 241 2.62 -35.56 36.07
C GLN A 241 2.55 -35.07 37.51
N PRO A 242 3.32 -35.67 38.42
CA PRO A 242 3.39 -35.13 39.80
C PRO A 242 4.06 -33.76 39.91
N VAL A 243 4.83 -33.33 38.91
CA VAL A 243 5.49 -32.02 38.94
C VAL A 243 5.01 -31.23 37.74
N GLY A 244 5.08 -29.91 37.85
CA GLY A 244 4.65 -29.02 36.79
C GLY A 244 5.70 -28.75 35.73
N PHE A 245 5.23 -28.45 34.53
CA PHE A 245 6.05 -28.01 33.41
C PHE A 245 5.41 -26.79 32.77
N THR A 246 6.21 -25.98 32.10
CA THR A 246 5.67 -24.95 31.21
C THR A 246 5.85 -25.40 29.77
N VAL A 247 4.73 -25.46 29.04
CA VAL A 247 4.71 -25.80 27.61
C VAL A 247 4.43 -24.56 26.81
N THR A 248 5.24 -24.30 25.78
CA THR A 248 5.03 -23.20 24.85
C THR A 248 4.74 -23.75 23.45
N VAL A 249 3.64 -23.31 22.87
CA VAL A 249 3.26 -23.65 21.50
C VAL A 249 3.45 -22.43 20.61
N ARG A 250 4.17 -22.61 19.51
CA ARG A 250 4.36 -21.60 18.47
C ARG A 250 3.71 -22.06 17.16
N VAL A 251 2.88 -21.20 16.57
CA VAL A 251 2.23 -21.48 15.29
C VAL A 251 2.85 -20.59 14.20
N TYR A 252 3.27 -21.22 13.10
CA TYR A 252 3.81 -20.53 11.94
C TYR A 252 2.89 -20.70 10.75
N MET A 253 2.68 -19.62 10.00
CA MET A 253 1.86 -19.64 8.80
C MET A 253 2.70 -19.23 7.60
N LYS A 254 2.64 -20.02 6.54
CA LYS A 254 3.21 -19.63 5.24
C LYS A 254 2.10 -19.52 4.21
N PRO A 255 1.78 -18.33 3.68
CA PRO A 255 0.90 -18.25 2.50
C PRO A 255 1.48 -18.97 1.28
N LYS A 256 0.65 -19.64 0.51
CA LYS A 256 1.08 -20.18 -0.77
C LYS A 256 -0.06 -20.17 -1.78
N HIS A 257 0.32 -20.23 -3.06
CA HIS A 257 -0.62 -20.15 -4.19
C HIS A 257 -1.34 -18.82 -4.19
N ILE A 258 -0.54 -17.77 -4.14
CA ILE A 258 -0.96 -16.42 -3.78
C ILE A 258 -1.44 -15.65 -5.01
N LYS A 259 -2.58 -14.97 -4.87
CA LYS A 259 -2.93 -13.82 -5.70
C LYS A 259 -3.11 -12.59 -4.83
N ALA A 260 -2.67 -11.44 -5.34
CA ALA A 260 -2.67 -10.19 -4.61
C ALA A 260 -3.19 -9.07 -5.49
N TRP A 261 -4.03 -8.22 -4.91
CA TRP A 261 -4.62 -7.10 -5.63
C TRP A 261 -4.49 -5.83 -4.83
N ALA A 262 -4.40 -4.72 -5.55
CA ALA A 262 -4.38 -3.33 -5.07
C ALA A 262 -3.34 -3.07 -3.99
N PRO A 263 -2.10 -2.83 -4.40
CA PRO A 263 -1.03 -2.51 -3.43
C PRO A 263 -1.27 -1.18 -2.72
N ARG A 264 -0.82 -1.12 -1.47
CA ARG A 264 -1.14 -0.07 -0.52
C ARG A 264 0.12 0.62 -0.04
N PRO A 265 0.03 1.88 0.39
CA PRO A 265 1.11 2.49 1.15
C PRO A 265 1.40 1.73 2.44
N PRO A 266 2.67 1.43 2.70
CA PRO A 266 3.04 0.68 3.92
C PRO A 266 2.71 1.41 5.21
N ARG A 267 2.50 0.61 6.26
CA ARG A 267 2.40 1.11 7.63
C ARG A 267 3.68 1.83 8.07
N THR A 268 3.52 3.03 8.61
CA THR A 268 4.64 3.81 9.11
C THR A 268 4.65 3.92 10.63
N LEU A 269 3.51 4.19 11.23
CA LEU A 269 3.48 4.32 12.66
C LEU A 269 3.36 2.94 13.31
N PRO A 270 3.90 2.75 14.50
CA PRO A 270 3.71 1.48 15.22
C PRO A 270 2.25 1.08 15.32
N TYR A 271 1.98 -0.21 15.18
CA TYR A 271 0.67 -0.76 15.48
C TYR A 271 0.36 -0.66 16.96
N MET A 272 -0.90 -0.32 17.26
CA MET A 272 -1.41 -0.24 18.62
C MET A 272 -2.19 -1.47 19.04
N SER A 273 -3.01 -2.02 18.14
CA SER A 273 -4.02 -3.00 18.50
C SER A 273 -4.15 -4.00 17.35
N ILE A 274 -4.52 -5.23 17.66
CA ILE A 274 -4.88 -6.18 16.61
C ILE A 274 -6.27 -5.89 16.03
N ALA A 275 -7.10 -5.14 16.74
CA ALA A 275 -8.49 -4.94 16.36
C ALA A 275 -8.68 -3.84 15.32
N ASN A 276 -7.70 -2.97 15.11
CA ASN A 276 -7.94 -1.75 14.34
C ASN A 276 -6.62 -1.21 13.79
N ALA A 277 -6.72 -0.15 12.99
CA ALA A 277 -5.59 0.59 12.45
C ALA A 277 -5.16 1.78 13.31
N ASN A 278 -5.62 1.87 14.55
CA ASN A 278 -5.32 3.04 15.38
C ASN A 278 -3.82 3.30 15.48
N TYR A 279 -3.48 4.57 15.66
CA TYR A 279 -2.11 5.04 15.52
C TYR A 279 -1.81 6.12 16.55
N LYS A 280 -0.54 6.19 16.93
CA LYS A 280 -0.03 7.17 17.88
C LYS A 280 1.28 7.77 17.39
N GLY A 281 2.14 6.94 16.80
CA GLY A 281 3.49 7.28 16.43
C GLY A 281 4.47 7.11 17.58
N LYS A 282 5.74 7.08 17.23
CA LYS A 282 6.80 7.23 18.23
C LYS A 282 6.86 8.65 18.77
N GLU A 283 7.49 8.77 19.93
CA GLU A 283 7.54 10.04 20.64
C GLU A 283 8.27 11.10 19.84
N ARG A 284 9.30 10.71 19.10
CA ARG A 284 9.99 11.61 18.17
C ARG A 284 10.47 10.80 16.98
N ALA A 285 10.77 11.52 15.90
CA ALA A 285 11.18 10.89 14.67
C ALA A 285 12.43 10.04 14.88
N PRO A 286 12.60 8.96 14.09
CA PRO A 286 11.76 8.41 13.03
C PRO A 286 10.36 7.96 13.46
N ASN A 287 9.42 7.93 12.51
CA ASN A 287 8.10 7.33 12.68
C ASN A 287 7.29 7.98 13.81
N ALA A 288 7.44 9.29 13.95
CA ALA A 288 6.54 10.10 14.75
C ALA A 288 5.37 10.53 13.88
N LEU A 289 4.26 10.86 14.52
CA LEU A 289 3.08 11.32 13.76
C LEU A 289 3.36 12.66 13.07
N SER A 290 4.19 13.50 13.66
CA SER A 290 4.59 14.75 13.04
C SER A 290 5.75 14.60 12.05
N ALA A 291 6.52 13.52 12.11
CA ALA A 291 7.74 13.42 11.32
C ALA A 291 8.12 11.95 11.16
N ILE A 292 7.91 11.42 9.96
CA ILE A 292 8.25 10.02 9.69
C ILE A 292 9.75 9.84 9.52
N ILE A 293 10.40 10.68 8.75
CA ILE A 293 11.84 10.65 8.59
C ILE A 293 12.49 11.49 9.68
N GLY A 294 13.60 10.97 10.22
CA GLY A 294 14.40 11.75 11.15
C GLY A 294 14.97 13.02 10.53
N ASN A 295 15.10 14.05 11.35
CA ASN A 295 15.48 15.37 10.88
C ASN A 295 16.95 15.47 10.52
N ARG A 296 17.26 16.41 9.63
CA ARG A 296 18.58 16.94 9.37
C ARG A 296 18.55 18.45 9.58
N ASP A 297 19.72 19.07 9.77
CA ASP A 297 19.78 20.48 10.16
C ASP A 297 19.13 21.42 9.15
N SER A 298 19.23 21.12 7.86
CA SER A 298 18.61 21.94 6.83
C SER A 298 18.50 21.11 5.56
N VAL A 299 17.71 21.62 4.61
CA VAL A 299 17.64 21.01 3.30
C VAL A 299 18.92 21.15 2.49
N LYS A 300 19.89 21.92 2.97
CA LYS A 300 21.22 22.01 2.38
C LYS A 300 22.25 21.17 3.10
N THR A 301 21.89 20.48 4.18
CA THR A 301 22.82 19.66 4.94
C THR A 301 22.85 18.24 4.39
N MET A 302 24.06 17.77 4.07
CA MET A 302 24.26 16.38 3.69
C MET A 302 24.75 15.60 4.91
N PRO A 303 23.95 14.69 5.47
CA PRO A 303 24.30 14.10 6.79
C PRO A 303 25.53 13.21 6.81
N HIS A 304 25.80 12.44 5.76
CA HIS A 304 26.90 11.48 5.75
C HIS A 304 27.93 11.86 4.69
N ASN A 305 28.15 13.15 4.56
CA ASN A 305 29.00 13.71 3.53
C ASN A 305 30.43 13.16 3.61
N ILE A 306 30.95 12.71 2.47
CA ILE A 306 32.34 12.24 2.39
C ILE A 306 33.28 13.44 2.45
N VAL A 307 34.25 13.38 3.35
CA VAL A 307 35.26 14.42 3.45
C VAL A 307 36.64 13.80 3.54
N ASN A 308 37.58 14.38 2.81
CA ASN A 308 38.96 13.91 2.77
C ASN A 308 39.89 15.12 2.79
N GLY B 1 11.03 -53.97 1.83
CA GLY B 1 11.12 -52.53 1.95
C GLY B 1 12.33 -51.93 1.28
N VAL B 2 12.32 -50.60 1.17
CA VAL B 2 13.40 -49.86 0.52
C VAL B 2 14.45 -49.51 1.56
N PRO B 3 15.73 -49.84 1.34
CA PRO B 3 16.77 -49.40 2.27
C PRO B 3 17.01 -47.89 2.15
N THR B 4 17.09 -47.22 3.30
CA THR B 4 17.19 -45.77 3.31
C THR B 4 18.09 -45.31 4.44
N TYR B 5 18.62 -44.11 4.29
CA TYR B 5 19.37 -43.46 5.35
C TYR B 5 19.01 -41.99 5.37
N LEU B 6 19.01 -41.41 6.56
CA LEU B 6 18.74 -40.00 6.77
C LEU B 6 19.99 -39.15 6.61
N LEU B 7 19.85 -38.05 5.90
CA LEU B 7 20.86 -37.02 5.69
C LEU B 7 20.89 -36.01 6.82
N PRO B 8 21.99 -35.28 6.99
CA PRO B 8 21.94 -34.01 7.72
C PRO B 8 20.81 -33.11 7.24
N GLY B 9 20.20 -32.41 8.19
CA GLY B 9 19.03 -31.60 7.95
C GLY B 9 17.71 -32.33 7.98
N SER B 10 17.72 -33.64 8.18
CA SER B 10 16.49 -34.37 8.45
C SER B 10 15.83 -33.84 9.72
N GLY B 11 14.52 -33.61 9.64
CA GLY B 11 13.72 -33.09 10.72
C GLY B 11 13.80 -31.60 11.00
N GLN B 12 14.58 -30.84 10.24
CA GLN B 12 14.66 -29.40 10.48
C GLN B 12 13.39 -28.69 9.98
N PHE B 13 13.06 -27.58 10.64
CA PHE B 13 12.05 -26.63 10.15
C PHE B 13 12.77 -25.39 9.61
N LEU B 14 12.92 -25.34 8.30
CA LEU B 14 13.41 -24.18 7.56
C LEU B 14 12.22 -23.34 7.09
N THR B 15 12.18 -22.07 7.52
CA THR B 15 11.03 -21.22 7.23
C THR B 15 10.89 -20.87 5.75
N THR B 16 11.93 -21.06 4.94
CA THR B 16 11.82 -20.87 3.50
C THR B 16 11.74 -22.18 2.70
N ASP B 17 11.47 -23.31 3.35
CA ASP B 17 11.34 -24.58 2.64
C ASP B 17 10.13 -24.57 1.70
N ASP B 18 10.08 -25.55 0.79
CA ASP B 18 9.04 -25.55 -0.23
C ASP B 18 8.63 -26.98 -0.57
N HIS B 19 7.71 -27.52 0.22
CA HIS B 19 7.22 -28.88 0.07
C HIS B 19 5.69 -28.86 0.03
N SER B 20 5.10 -29.93 -0.51
CA SER B 20 3.70 -30.19 -0.26
C SER B 20 3.48 -30.62 1.20
N SER B 21 2.27 -30.40 1.71
CA SER B 21 1.92 -30.83 3.05
C SER B 21 0.46 -31.28 3.11
N ALA B 22 0.18 -32.07 4.14
CA ALA B 22 -1.08 -32.80 4.26
C ALA B 22 -2.29 -31.86 4.28
N PRO B 23 -3.27 -32.07 3.40
CA PRO B 23 -4.49 -31.25 3.43
C PRO B 23 -5.38 -31.59 4.62
N ALA B 24 -5.62 -30.61 5.48
CA ALA B 24 -6.43 -30.83 6.68
C ALA B 24 -7.92 -30.98 6.38
N LEU B 25 -8.41 -30.38 5.31
CA LEU B 25 -9.83 -30.40 4.95
C LEU B 25 -10.00 -31.10 3.59
N PRO B 26 -10.12 -32.42 3.57
CA PRO B 26 -10.23 -33.11 2.28
C PRO B 26 -11.54 -32.81 1.55
N CYS B 27 -11.44 -32.75 0.22
CA CYS B 27 -12.53 -32.46 -0.70
C CYS B 27 -13.13 -31.06 -0.57
N PHE B 28 -12.48 -30.15 0.16
CA PHE B 28 -12.95 -28.77 0.25
C PHE B 28 -12.85 -28.06 -1.11
N ASN B 29 -13.93 -27.40 -1.52
CA ASN B 29 -13.95 -26.65 -2.77
C ASN B 29 -13.82 -25.16 -2.48
N PRO B 30 -12.69 -24.53 -2.79
CA PRO B 30 -12.56 -23.07 -2.62
C PRO B 30 -13.51 -22.27 -3.48
N THR B 31 -13.83 -21.07 -3.01
CA THR B 31 -14.73 -20.17 -3.73
C THR B 31 -14.19 -19.90 -5.14
N PRO B 32 -15.04 -19.95 -6.17
CA PRO B 32 -14.58 -19.63 -7.53
C PRO B 32 -13.82 -18.31 -7.58
N GLU B 33 -12.78 -18.27 -8.41
CA GLU B 33 -12.07 -17.04 -8.67
C GLU B 33 -12.94 -16.02 -9.39
N MET B 34 -12.74 -14.76 -9.06
CA MET B 34 -13.45 -13.65 -9.65
C MET B 34 -12.41 -12.63 -10.07
N HIS B 35 -12.62 -11.97 -11.21
CA HIS B 35 -11.73 -10.90 -11.61
C HIS B 35 -11.81 -9.71 -10.66
N ILE B 36 -10.67 -9.32 -10.12
CA ILE B 36 -10.54 -8.14 -9.27
C ILE B 36 -9.58 -7.18 -9.97
N PRO B 37 -9.89 -5.89 -10.05
CA PRO B 37 -8.91 -4.92 -10.53
C PRO B 37 -7.62 -4.92 -9.72
N GLY B 38 -6.52 -4.64 -10.41
CA GLY B 38 -5.26 -4.31 -9.77
C GLY B 38 -4.42 -5.45 -9.24
N GLN B 39 -4.43 -6.61 -9.89
CA GLN B 39 -3.56 -7.71 -9.50
C GLN B 39 -2.09 -7.32 -9.61
N VAL B 40 -1.31 -7.62 -8.57
CA VAL B 40 0.13 -7.47 -8.55
C VAL B 40 0.77 -8.85 -8.61
N ARG B 41 1.77 -9.01 -9.45
CA ARG B 41 2.48 -10.27 -9.57
C ARG B 41 3.96 -10.17 -9.25
N ASN B 42 4.57 -9.01 -9.40
CA ASN B 42 5.95 -8.76 -8.99
C ASN B 42 5.98 -7.44 -8.23
N MET B 43 6.68 -7.42 -7.10
CA MET B 43 6.85 -6.20 -6.32
C MET B 43 7.60 -5.10 -7.07
N LEU B 44 8.37 -5.43 -8.11
CA LEU B 44 8.99 -4.39 -8.93
C LEU B 44 7.98 -3.51 -9.65
N GLU B 45 6.75 -3.98 -9.85
CA GLU B 45 5.71 -3.12 -10.40
C GLU B 45 5.36 -1.98 -9.45
N VAL B 46 5.45 -2.19 -8.15
CA VAL B 46 5.12 -1.16 -7.18
C VAL B 46 6.24 -0.10 -7.11
N VAL B 47 7.50 -0.52 -7.10
CA VAL B 47 8.62 0.44 -6.99
C VAL B 47 8.75 1.30 -8.24
N GLN B 48 8.16 0.90 -9.36
CA GLN B 48 8.10 1.76 -10.53
C GLN B 48 7.09 2.90 -10.42
N VAL B 49 6.23 2.91 -9.41
CA VAL B 49 5.28 4.00 -9.20
C VAL B 49 5.96 5.10 -8.39
N GLU B 50 5.95 6.32 -8.92
CA GLU B 50 6.57 7.44 -8.22
C GLU B 50 5.76 7.88 -7.00
N SER B 51 6.47 8.27 -5.95
CA SER B 51 5.91 8.63 -4.66
C SER B 51 6.75 9.75 -4.07
N MET B 52 6.13 10.57 -3.23
CA MET B 52 6.75 11.80 -2.74
C MET B 52 7.95 11.56 -1.83
N MET B 53 9.02 12.30 -2.07
CA MET B 53 10.19 12.33 -1.20
C MET B 53 9.98 13.31 -0.05
N GLU B 54 10.42 12.93 1.14
CA GLU B 54 10.37 13.81 2.31
C GLU B 54 11.62 14.70 2.40
N ILE B 55 11.80 15.57 1.40
CA ILE B 55 13.02 16.36 1.26
C ILE B 55 13.17 17.37 2.40
N ASN B 56 12.07 17.96 2.87
CA ASN B 56 12.08 18.94 3.95
C ASN B 56 11.96 18.29 5.32
N ASN B 57 12.79 17.27 5.55
CA ASN B 57 12.89 16.59 6.84
C ASN B 57 13.69 17.40 7.86
N THR B 58 13.15 18.55 8.23
CA THR B 58 13.78 19.47 9.15
C THR B 58 12.85 19.73 10.32
N GLU B 59 13.43 20.02 11.48
CA GLU B 59 12.65 20.52 12.60
C GLU B 59 11.93 21.80 12.19
N SER B 60 10.73 21.98 12.72
CA SER B 60 9.77 23.02 12.32
C SER B 60 9.09 22.77 10.99
N ALA B 61 9.42 21.72 10.25
CA ALA B 61 8.52 21.19 9.24
C ALA B 61 7.70 20.06 9.86
N VAL B 62 6.38 20.25 9.91
CA VAL B 62 5.46 19.32 10.57
C VAL B 62 4.57 18.66 9.53
N GLY B 63 4.44 17.34 9.60
CA GLY B 63 3.46 16.63 8.80
C GLY B 63 3.59 16.85 7.30
N MET B 64 2.50 17.31 6.68
CA MET B 64 2.49 17.60 5.25
C MET B 64 3.57 18.59 4.82
N GLU B 65 3.95 19.52 5.69
CA GLU B 65 4.96 20.51 5.33
C GLU B 65 6.30 19.90 4.95
N ARG B 66 6.58 18.68 5.39
CA ARG B 66 7.84 18.01 5.10
C ARG B 66 7.90 17.48 3.67
N LEU B 67 6.77 17.35 2.99
CA LEU B 67 6.72 16.82 1.63
C LEU B 67 6.92 17.87 0.53
N LYS B 68 7.16 19.13 0.87
CA LYS B 68 7.39 20.18 -0.11
C LYS B 68 8.62 21.01 0.24
N VAL B 69 9.24 21.59 -0.79
CA VAL B 69 10.37 22.51 -0.64
C VAL B 69 9.96 23.89 -1.17
N ASP B 70 10.10 24.92 -0.34
CA ASP B 70 9.74 26.27 -0.71
C ASP B 70 10.91 27.04 -1.33
N ILE B 71 10.66 27.64 -2.48
CA ILE B 71 11.65 28.42 -3.24
C ILE B 71 11.23 29.88 -3.25
N SER B 72 12.20 30.77 -3.07
CA SER B 72 11.97 32.21 -3.09
C SER B 72 12.92 32.86 -4.09
N ALA B 73 12.54 34.06 -4.54
CA ALA B 73 13.42 34.91 -5.33
C ALA B 73 14.65 35.31 -4.53
N LEU B 74 15.82 35.14 -5.14
CA LEU B 74 17.11 35.48 -4.57
C LEU B 74 17.70 36.71 -5.24
N THR B 75 18.68 37.31 -4.59
CA THR B 75 19.39 38.46 -5.14
C THR B 75 20.85 38.15 -5.47
N ASP B 76 21.32 36.93 -5.21
CA ASP B 76 22.62 36.45 -5.63
C ASP B 76 22.45 35.38 -6.70
N VAL B 77 23.33 35.38 -7.70
CA VAL B 77 23.24 34.39 -8.78
C VAL B 77 23.67 33.00 -8.32
N ASP B 78 23.08 31.98 -8.97
CA ASP B 78 23.49 30.56 -8.93
C ASP B 78 23.57 29.94 -7.54
N GLN B 79 22.65 30.34 -6.66
CA GLN B 79 22.64 29.82 -5.29
C GLN B 79 22.10 28.39 -5.20
N LEU B 80 22.69 27.62 -4.29
CA LEU B 80 22.16 26.32 -3.88
C LEU B 80 20.79 26.44 -3.20
N LEU B 81 19.85 25.59 -3.62
CA LEU B 81 18.51 25.54 -3.05
C LEU B 81 18.32 24.39 -2.05
N PHE B 82 18.68 23.16 -2.41
CA PHE B 82 18.60 22.02 -1.50
C PHE B 82 19.48 20.91 -2.04
N ASN B 83 19.80 19.95 -1.17
CA ASN B 83 20.40 18.69 -1.59
C ASN B 83 19.56 17.54 -1.06
N ILE B 84 19.66 16.40 -1.72
CA ILE B 84 18.94 15.19 -1.36
C ILE B 84 19.95 14.10 -1.02
N PRO B 85 20.00 13.61 0.22
CA PRO B 85 20.76 12.39 0.53
C PRO B 85 20.18 11.17 -0.20
N LEU B 86 21.06 10.41 -0.84
CA LEU B 86 20.64 9.25 -1.61
C LEU B 86 20.70 7.93 -0.85
N ASP B 87 20.87 7.94 0.46
CA ASP B 87 20.89 6.71 1.26
C ASP B 87 19.48 6.16 1.47
N ILE B 88 19.21 4.97 0.93
CA ILE B 88 17.96 4.29 1.20
C ILE B 88 18.03 3.50 2.51
N GLN B 89 19.21 3.04 2.89
CA GLN B 89 19.37 2.29 4.14
C GLN B 89 19.33 3.20 5.36
N LEU B 90 20.09 4.28 5.35
CA LEU B 90 20.02 5.24 6.43
C LEU B 90 18.82 6.15 6.24
N ASP B 91 18.32 6.67 7.35
CA ASP B 91 17.10 7.46 7.33
C ASP B 91 17.32 8.74 6.55
N GLY B 92 16.39 9.06 5.67
CA GLY B 92 16.53 10.19 4.79
C GLY B 92 15.36 10.31 3.86
N PRO B 93 15.35 11.38 3.06
CA PRO B 93 14.17 11.67 2.23
C PRO B 93 13.65 10.51 1.38
N LEU B 94 14.50 9.53 1.03
CA LEU B 94 14.06 8.41 0.20
C LEU B 94 13.40 7.27 0.95
N ARG B 95 13.57 7.16 2.27
CA ARG B 95 13.15 5.95 2.98
C ARG B 95 11.65 5.66 2.85
N ASN B 96 10.80 6.61 3.24
CA ASN B 96 9.35 6.39 3.20
C ASN B 96 8.76 6.66 1.81
N THR B 97 9.24 5.90 0.84
CA THR B 97 8.74 5.96 -0.52
C THR B 97 8.44 4.53 -0.95
N LEU B 98 7.63 4.39 -1.99
CA LEU B 98 7.28 3.05 -2.44
C LEU B 98 8.51 2.25 -2.84
N VAL B 99 9.39 2.85 -3.65
CA VAL B 99 10.67 2.20 -3.93
C VAL B 99 11.45 1.98 -2.65
N GLY B 100 11.49 2.98 -1.77
CA GLY B 100 12.22 2.85 -0.50
C GLY B 100 11.71 1.73 0.39
N ASN B 101 10.42 1.72 0.70
CA ASN B 101 9.86 0.73 1.62
C ASN B 101 9.98 -0.69 1.11
N ILE B 102 9.70 -0.93 -0.17
CA ILE B 102 9.83 -2.27 -0.71
C ILE B 102 11.30 -2.70 -0.75
N SER B 103 12.19 -1.80 -1.16
CA SER B 103 13.63 -2.12 -1.23
C SER B 103 14.20 -2.49 0.12
N ARG B 104 13.70 -1.92 1.21
CA ARG B 104 14.21 -2.24 2.54
C ARG B 104 13.82 -3.64 3.04
N TYR B 105 12.95 -4.36 2.34
CA TYR B 105 12.84 -5.81 2.51
C TYR B 105 13.94 -6.60 1.82
N TYR B 106 14.88 -5.95 1.15
CA TYR B 106 15.95 -6.61 0.44
C TYR B 106 17.29 -5.99 0.82
N THR B 107 18.35 -6.71 0.49
CA THR B 107 19.71 -6.34 0.86
C THR B 107 20.51 -5.77 -0.31
N HIS B 108 20.26 -6.25 -1.53
CA HIS B 108 21.04 -5.89 -2.70
C HIS B 108 20.13 -5.19 -3.70
N TRP B 109 20.65 -4.20 -4.41
CA TRP B 109 19.88 -3.50 -5.41
C TRP B 109 20.75 -3.08 -6.59
N SER B 110 20.12 -2.93 -7.74
CA SER B 110 20.75 -2.45 -8.96
C SER B 110 19.72 -1.67 -9.79
N GLY B 111 20.20 -0.73 -10.58
CA GLY B 111 19.39 -0.08 -11.60
C GLY B 111 19.16 1.40 -11.34
N SER B 112 18.62 2.05 -12.36
CA SER B 112 18.42 3.49 -12.40
C SER B 112 17.21 3.95 -11.60
N LEU B 113 17.31 5.16 -11.06
CA LEU B 113 16.21 5.86 -10.41
C LEU B 113 15.80 7.08 -11.23
N GLU B 114 14.52 7.45 -11.16
CA GLU B 114 14.07 8.74 -11.67
C GLU B 114 13.56 9.59 -10.51
N MET B 115 14.03 10.83 -10.44
CA MET B 115 13.40 11.87 -9.63
C MET B 115 12.62 12.82 -10.53
N THR B 116 11.35 13.03 -10.18
CA THR B 116 10.51 13.99 -10.88
C THR B 116 10.15 15.11 -9.92
N PHE B 117 10.25 16.34 -10.37
CA PHE B 117 9.88 17.51 -9.59
C PHE B 117 8.72 18.24 -10.24
N MET B 118 7.68 18.52 -9.47
CA MET B 118 6.54 19.31 -9.93
C MET B 118 6.60 20.71 -9.33
N PHE B 119 6.65 21.71 -10.20
CA PHE B 119 6.56 23.10 -9.76
C PHE B 119 5.11 23.52 -9.52
N CYS B 120 4.84 24.02 -8.31
CA CYS B 120 3.50 24.34 -7.86
C CYS B 120 3.33 25.82 -7.52
N GLY B 121 4.14 26.71 -8.09
CA GLY B 121 3.86 28.14 -8.06
C GLY B 121 2.69 28.54 -8.94
N SER B 122 2.39 29.83 -8.94
CA SER B 122 1.31 30.34 -9.79
C SER B 122 1.72 30.30 -11.27
N PHE B 123 0.72 30.45 -12.14
CA PHE B 123 0.94 30.52 -13.58
C PHE B 123 1.88 31.65 -13.96
N MET B 124 1.80 32.78 -13.27
CA MET B 124 2.65 33.92 -13.56
C MET B 124 4.10 33.76 -13.08
N ALA B 125 4.37 32.81 -12.18
CA ALA B 125 5.74 32.55 -11.77
C ALA B 125 6.59 31.91 -12.87
N ALA B 126 7.83 32.36 -12.98
CA ALA B 126 8.78 31.84 -13.96
C ALA B 126 10.09 31.49 -13.25
N GLY B 127 10.88 30.62 -13.87
CA GLY B 127 12.20 30.31 -13.36
C GLY B 127 12.90 29.13 -14.02
N LYS B 128 14.22 29.07 -13.89
CA LYS B 128 15.00 27.92 -14.33
C LYS B 128 15.84 27.36 -13.18
N LEU B 129 15.82 26.05 -13.04
CA LEU B 129 16.58 25.31 -12.05
C LEU B 129 17.54 24.36 -12.75
N ILE B 130 18.67 24.07 -12.12
CA ILE B 130 19.54 22.98 -12.54
C ILE B 130 19.59 21.91 -11.44
N LEU B 131 19.23 20.68 -11.80
CA LEU B 131 19.25 19.52 -10.94
C LEU B 131 20.39 18.59 -11.30
N CYS B 132 21.29 18.34 -10.37
CA CYS B 132 22.54 17.62 -10.64
C CYS B 132 22.63 16.34 -9.82
N TYR B 133 23.01 15.24 -10.47
CA TYR B 133 23.48 14.03 -9.80
C TYR B 133 25.00 13.93 -9.88
N THR B 134 25.65 13.80 -8.73
CA THR B 134 27.09 13.62 -8.64
C THR B 134 27.41 12.16 -8.29
N PRO B 135 28.07 11.41 -9.16
CA PRO B 135 28.58 10.08 -8.81
C PRO B 135 29.52 10.15 -7.61
N PRO B 136 29.66 9.04 -6.87
CA PRO B 136 30.35 9.09 -5.59
C PRO B 136 31.87 9.23 -5.72
N GLY B 137 32.48 9.66 -4.63
CA GLY B 137 33.92 9.68 -4.49
C GLY B 137 34.42 10.84 -3.65
N GLY B 138 33.76 11.98 -3.76
CA GLY B 138 34.10 13.16 -2.98
C GLY B 138 32.94 13.72 -2.19
N SER B 139 33.09 14.94 -1.71
CA SER B 139 32.03 15.62 -0.96
C SER B 139 30.93 16.10 -1.89
N CYS B 140 29.76 16.31 -1.31
CA CYS B 140 28.65 16.90 -2.03
C CYS B 140 28.98 18.31 -2.51
N PRO B 141 28.78 18.62 -3.78
CA PRO B 141 29.13 19.95 -4.30
C PRO B 141 28.27 21.06 -3.71
N THR B 142 28.92 22.17 -3.38
CA THR B 142 28.24 23.32 -2.81
C THR B 142 28.12 24.50 -3.77
N THR B 143 28.75 24.44 -4.93
CA THR B 143 28.66 25.51 -5.93
C THR B 143 28.12 24.94 -7.23
N ARG B 144 27.42 25.80 -7.98
CA ARG B 144 26.82 25.37 -9.23
C ARG B 144 27.87 24.94 -10.25
N GLU B 145 28.96 25.68 -10.41
CA GLU B 145 29.96 25.27 -11.39
C GLU B 145 30.77 24.04 -10.99
N THR B 146 30.66 23.58 -9.75
CA THR B 146 31.12 22.23 -9.41
C THR B 146 30.05 21.18 -9.72
N ALA B 147 28.81 21.42 -9.31
CA ALA B 147 27.74 20.45 -9.53
C ALA B 147 27.44 20.25 -11.01
N MET B 148 27.56 21.30 -11.80
CA MET B 148 27.36 21.28 -13.24
C MET B 148 28.24 20.25 -13.97
N LEU B 149 29.37 19.85 -13.39
CA LEU B 149 30.25 18.86 -14.01
C LEU B 149 29.67 17.44 -14.00
N GLY B 150 28.74 17.13 -13.10
CA GLY B 150 28.05 15.86 -13.08
C GLY B 150 26.89 15.78 -14.06
N THR B 151 26.12 14.71 -13.91
CA THR B 151 24.89 14.50 -14.67
C THR B 151 23.81 15.49 -14.23
N HIS B 152 23.20 16.20 -15.17
CA HIS B 152 22.24 17.21 -14.78
C HIS B 152 21.19 17.47 -15.87
N ILE B 153 20.09 18.08 -15.44
CA ILE B 153 19.05 18.61 -16.31
C ILE B 153 18.80 20.07 -15.92
N VAL B 154 18.72 20.94 -16.92
CA VAL B 154 18.31 22.34 -16.73
C VAL B 154 16.82 22.45 -17.03
N TRP B 155 16.06 22.84 -16.01
CA TRP B 155 14.59 22.83 -16.03
C TRP B 155 14.06 24.25 -16.14
N ASP B 156 13.32 24.52 -17.21
CA ASP B 156 12.58 25.75 -17.39
C ASP B 156 11.11 25.52 -17.00
N PHE B 157 10.59 26.32 -16.09
CA PHE B 157 9.17 26.26 -15.76
C PHE B 157 8.32 26.67 -16.96
N GLY B 158 7.24 25.95 -17.17
CA GLY B 158 6.39 26.20 -18.31
C GLY B 158 5.06 25.51 -18.22
N LEU B 159 4.45 25.25 -19.39
CA LEU B 159 3.15 24.60 -19.41
C LEU B 159 3.24 23.17 -18.88
N GLN B 160 4.28 22.43 -19.28
CA GLN B 160 4.59 21.17 -18.63
C GLN B 160 5.19 21.44 -17.24
N SER B 161 4.53 20.93 -16.22
CA SER B 161 4.79 21.29 -14.83
C SER B 161 6.04 20.63 -14.25
N SER B 162 6.54 19.55 -14.85
CA SER B 162 7.38 18.62 -14.12
C SER B 162 8.58 18.22 -14.99
N VAL B 163 9.70 18.01 -14.34
CA VAL B 163 10.90 17.54 -15.00
C VAL B 163 11.37 16.26 -14.32
N THR B 164 12.00 15.38 -15.08
CA THR B 164 12.68 14.20 -14.56
C THR B 164 14.19 14.40 -14.61
N LEU B 165 14.86 14.11 -13.50
CA LEU B 165 16.27 13.75 -13.47
C LEU B 165 16.37 12.24 -13.35
N ILE B 166 16.97 11.60 -14.34
CA ILE B 166 17.38 10.20 -14.21
C ILE B 166 18.64 10.12 -13.36
N ILE B 167 18.62 9.25 -12.35
CA ILE B 167 19.88 8.81 -11.75
C ILE B 167 20.28 7.49 -12.41
N PRO B 168 21.20 7.50 -13.37
CA PRO B 168 21.58 6.26 -14.04
C PRO B 168 22.39 5.34 -13.13
N TRP B 169 22.21 4.05 -13.31
CA TRP B 169 23.03 3.06 -12.61
C TRP B 169 24.50 3.18 -13.03
N ILE B 170 25.29 3.86 -12.22
CA ILE B 170 26.72 4.01 -12.45
C ILE B 170 27.41 3.39 -11.24
N SER B 171 27.95 2.20 -11.42
CA SER B 171 28.48 1.42 -10.31
C SER B 171 29.54 0.49 -10.85
N GLY B 172 30.57 0.25 -10.03
CA GLY B 172 31.56 -0.75 -10.39
C GLY B 172 31.01 -2.17 -10.31
N SER B 173 30.29 -2.49 -9.25
CA SER B 173 29.64 -3.78 -9.07
C SER B 173 28.25 -3.84 -9.72
N HIS B 174 27.82 -5.08 -9.98
CA HIS B 174 26.47 -5.37 -10.41
C HIS B 174 25.41 -4.86 -9.44
N TYR B 175 25.65 -4.98 -8.14
CA TYR B 175 24.70 -4.54 -7.13
C TYR B 175 25.38 -3.64 -6.11
N ARG B 176 24.59 -2.77 -5.50
CA ARG B 176 24.92 -2.14 -4.23
C ARG B 176 24.19 -2.82 -3.07
N MET B 177 24.69 -2.58 -1.87
CA MET B 177 24.09 -3.07 -0.62
C MET B 177 23.40 -1.95 0.13
N PHE B 178 22.27 -2.25 0.75
CA PHE B 178 21.63 -1.40 1.77
C PHE B 178 22.37 -1.54 3.10
N ASN B 179 23.51 -0.86 3.16
CA ASN B 179 24.49 -0.99 4.23
C ASN B 179 24.38 0.19 5.19
N ASN B 180 24.40 -0.09 6.50
CA ASN B 180 24.37 0.98 7.51
C ASN B 180 25.64 1.84 7.49
N ASP B 181 26.76 1.30 7.03
CA ASP B 181 27.93 2.11 6.69
C ASP B 181 27.67 2.80 5.37
N ALA B 182 27.13 4.02 5.44
CA ALA B 182 26.80 4.76 4.22
C ALA B 182 28.03 5.14 3.38
N LYS B 183 29.20 5.24 3.99
CA LYS B 183 30.42 5.61 3.30
C LYS B 183 31.14 4.42 2.65
N SER B 184 30.64 3.21 2.83
CA SER B 184 31.18 2.04 2.15
C SER B 184 31.16 2.20 0.64
N THR B 185 32.22 1.73 -0.01
CA THR B 185 32.31 1.74 -1.47
C THR B 185 31.30 0.82 -2.13
N ASN B 186 30.71 -0.11 -1.39
CA ASN B 186 29.66 -0.96 -1.91
C ASN B 186 28.27 -0.36 -1.75
N ALA B 187 28.15 0.84 -1.22
CA ALA B 187 26.84 1.37 -0.84
C ALA B 187 26.57 2.79 -1.31
N ASN B 188 27.56 3.68 -1.25
CA ASN B 188 27.33 5.10 -1.50
C ASN B 188 26.99 5.38 -2.97
N VAL B 189 25.88 6.07 -3.18
CA VAL B 189 25.39 6.39 -4.51
C VAL B 189 25.86 7.77 -5.01
N GLY B 190 26.29 8.65 -4.12
CA GLY B 190 26.50 10.05 -4.44
C GLY B 190 25.37 10.99 -4.04
N TYR B 191 25.17 12.08 -4.78
CA TYR B 191 24.34 13.17 -4.30
C TYR B 191 23.48 13.75 -5.41
N VAL B 192 22.31 14.25 -5.02
CA VAL B 192 21.51 15.12 -5.85
C VAL B 192 21.51 16.52 -5.23
N THR B 193 21.74 17.54 -6.08
CA THR B 193 21.76 18.94 -5.68
C THR B 193 20.90 19.77 -6.62
N CYS B 194 20.24 20.79 -6.09
CA CYS B 194 19.48 21.73 -6.90
C CYS B 194 20.02 23.15 -6.73
N PHE B 195 20.28 23.80 -7.85
CA PHE B 195 20.72 25.19 -7.86
C PHE B 195 19.77 26.02 -8.73
N MET B 196 19.74 27.32 -8.45
CA MET B 196 19.22 28.29 -9.40
C MET B 196 20.02 28.29 -10.69
N GLN B 197 19.36 28.05 -11.82
CA GLN B 197 19.98 28.36 -13.10
C GLN B 197 19.77 29.83 -13.45
N THR B 198 18.58 30.36 -13.22
CA THR B 198 18.36 31.80 -13.28
C THR B 198 17.82 32.31 -11.95
N ASN B 199 16.54 32.63 -11.89
CA ASN B 199 15.89 33.04 -10.65
C ASN B 199 14.42 32.75 -10.75
N LEU B 200 13.78 32.56 -9.60
CA LEU B 200 12.33 32.61 -9.50
C LEU B 200 11.85 34.05 -9.61
N ILE B 201 11.03 34.34 -10.61
CA ILE B 201 10.57 35.68 -10.89
C ILE B 201 9.04 35.67 -10.91
N VAL B 202 8.43 36.47 -10.05
CA VAL B 202 6.97 36.50 -9.89
C VAL B 202 6.47 37.94 -9.85
N PRO B 203 5.28 38.21 -10.36
CA PRO B 203 4.69 39.55 -10.18
C PRO B 203 4.12 39.73 -8.77
N SER B 204 3.85 41.00 -8.46
CA SER B 204 3.37 41.40 -7.12
C SER B 204 2.14 40.64 -6.64
N GLU B 205 1.23 40.29 -7.53
CA GLU B 205 0.00 39.61 -7.15
C GLU B 205 0.13 38.11 -7.02
N SER B 206 1.20 37.51 -7.53
CA SER B 206 1.50 36.13 -7.17
C SER B 206 2.16 36.08 -5.79
N SER B 207 2.01 34.94 -5.13
CA SER B 207 2.78 34.65 -3.93
C SER B 207 4.29 34.68 -4.22
N ASP B 208 5.04 35.33 -3.33
CA ASP B 208 6.49 35.47 -3.49
C ASP B 208 7.24 34.16 -3.26
N THR B 209 6.60 33.14 -2.70
CA THR B 209 7.24 31.89 -2.38
C THR B 209 6.47 30.74 -3.03
N CYS B 210 7.20 29.80 -3.62
CA CYS B 210 6.63 28.71 -4.40
C CYS B 210 7.19 27.38 -3.93
N SER B 211 6.50 26.29 -4.22
CA SER B 211 6.90 24.98 -3.71
C SER B 211 7.23 24.02 -4.85
N LEU B 212 8.20 23.15 -4.59
CA LEU B 212 8.43 21.93 -5.35
C LEU B 212 7.94 20.71 -4.58
N ILE B 213 7.31 19.78 -5.27
CA ILE B 213 7.14 18.41 -4.79
C ILE B 213 8.09 17.50 -5.56
N GLY B 214 8.97 16.81 -4.85
CA GLY B 214 9.83 15.80 -5.43
C GLY B 214 9.29 14.39 -5.31
N PHE B 215 9.39 13.62 -6.38
CA PHE B 215 8.97 12.24 -6.43
C PHE B 215 10.15 11.38 -6.85
N ILE B 216 10.16 10.12 -6.42
CA ILE B 216 11.15 9.15 -6.87
C ILE B 216 10.43 7.86 -7.26
N ALA B 217 10.96 7.19 -8.28
CA ALA B 217 10.58 5.81 -8.59
C ALA B 217 11.82 5.09 -9.12
N ALA B 218 11.74 3.76 -9.15
CA ALA B 218 12.67 2.96 -9.95
C ALA B 218 12.29 2.96 -11.42
N LYS B 219 13.28 2.75 -12.27
CA LYS B 219 13.05 2.39 -13.66
C LYS B 219 12.91 0.86 -13.80
N ASP B 220 12.55 0.40 -14.99
CA ASP B 220 12.37 -1.04 -15.17
C ASP B 220 13.67 -1.82 -15.39
N ASP B 221 14.84 -1.17 -15.39
CA ASP B 221 16.10 -1.88 -15.24
C ASP B 221 16.43 -2.23 -13.79
N PHE B 222 15.56 -1.90 -12.85
CA PHE B 222 15.80 -2.07 -11.42
C PHE B 222 15.55 -3.50 -10.94
N SER B 223 16.38 -3.96 -10.01
CA SER B 223 16.33 -5.32 -9.48
C SER B 223 16.65 -5.30 -7.99
N LEU B 224 16.01 -6.20 -7.23
CA LEU B 224 16.23 -6.36 -5.79
C LEU B 224 16.61 -7.78 -5.45
N ARG B 225 17.42 -7.95 -4.41
CA ARG B 225 17.93 -9.27 -4.12
C ARG B 225 18.18 -9.45 -2.63
N LEU B 226 18.12 -10.72 -2.18
CA LEU B 226 18.36 -11.20 -0.81
C LEU B 226 17.37 -10.63 0.22
N MET B 227 16.22 -11.28 0.35
CA MET B 227 15.17 -10.82 1.25
C MET B 227 15.57 -10.88 2.72
N ARG B 228 15.12 -9.88 3.48
CA ARG B 228 15.47 -9.68 4.87
C ARG B 228 14.27 -9.08 5.58
N ASP B 229 14.26 -9.18 6.91
CA ASP B 229 13.30 -8.41 7.71
C ASP B 229 13.57 -6.91 7.60
N SER B 230 12.54 -6.18 7.21
CA SER B 230 12.63 -4.74 7.09
C SER B 230 12.77 -4.11 8.48
N PRO B 231 13.69 -3.17 8.67
CA PRO B 231 13.79 -2.46 9.95
C PRO B 231 12.74 -1.37 10.18
N ASP B 232 11.78 -1.20 9.28
CA ASP B 232 10.73 -0.20 9.39
C ASP B 232 9.64 -0.50 10.43
N ILE B 233 9.54 -1.72 10.95
CA ILE B 233 8.48 -2.04 11.89
C ILE B 233 9.05 -2.91 12.99
N GLY B 234 8.47 -2.81 14.18
CA GLY B 234 8.86 -3.66 15.28
C GLY B 234 7.86 -3.55 16.40
N GLN B 235 7.95 -4.48 17.34
CA GLN B 235 7.13 -4.40 18.54
C GLN B 235 7.93 -4.80 19.75
N LEU B 236 7.70 -4.11 20.86
CA LEU B 236 8.31 -4.47 22.14
C LEU B 236 7.38 -5.26 23.04
N ASP B 237 6.08 -5.20 22.79
CA ASP B 237 5.05 -5.79 23.63
C ASP B 237 4.06 -6.51 22.74
N HIS B 238 3.16 -7.28 23.35
CA HIS B 238 1.92 -7.64 22.68
C HIS B 238 1.07 -6.42 22.38
N LEU B 239 0.37 -6.48 21.26
CA LEU B 239 -0.59 -5.45 20.90
C LEU B 239 -1.82 -5.54 21.78
N HIS B 240 -2.53 -4.43 21.87
CA HIS B 240 -3.83 -4.44 22.53
C HIS B 240 -4.77 -5.44 21.89
N ALA B 241 -5.50 -6.18 22.74
CA ALA B 241 -6.44 -7.25 22.42
C ALA B 241 -5.81 -8.49 21.79
N ALA B 242 -4.49 -8.57 21.63
CA ALA B 242 -3.87 -9.80 21.17
C ALA B 242 -4.03 -10.92 22.21
N GLU B 243 -3.98 -10.57 23.49
CA GLU B 243 -4.27 -11.51 24.57
C GLU B 243 -5.72 -11.98 24.55
N ALA B 244 -6.66 -11.09 24.27
CA ALA B 244 -8.06 -11.44 24.29
C ALA B 244 -8.42 -12.52 23.27
N ALA B 245 -7.59 -12.74 22.25
CA ALA B 245 -7.81 -13.85 21.34
C ALA B 245 -7.67 -15.21 22.02
N TYR B 246 -6.97 -15.29 23.14
CA TYR B 246 -6.92 -16.51 23.94
C TYR B 246 -8.02 -16.62 24.98
N GLN B 247 -8.86 -15.59 25.11
CA GLN B 247 -9.88 -15.59 26.14
C GLN B 247 -11.26 -15.81 25.52
N SER C 10 -6.00 18.26 -27.52
CA SER C 10 -6.44 16.93 -27.11
C SER C 10 -6.68 16.89 -25.61
N ASP C 11 -5.63 16.71 -24.81
CA ASP C 11 -5.78 16.22 -23.44
C ASP C 11 -6.40 17.23 -22.51
N ARG C 12 -6.53 18.48 -22.94
CA ARG C 12 -6.87 19.60 -22.08
C ARG C 12 -8.38 19.83 -21.93
N VAL C 13 -9.19 19.46 -22.92
CA VAL C 13 -10.63 19.71 -22.87
C VAL C 13 -11.39 18.39 -22.86
N LEU C 14 -12.46 18.33 -22.08
CA LEU C 14 -13.20 17.10 -21.87
C LEU C 14 -14.68 17.40 -21.69
N GLN C 15 -15.54 16.58 -22.30
CA GLN C 15 -16.96 16.56 -21.97
C GLN C 15 -17.36 15.15 -21.50
N LEU C 16 -18.09 15.10 -20.40
CA LEU C 16 -18.64 13.86 -19.86
C LEU C 16 -20.16 13.94 -19.92
N LYS C 17 -20.80 12.97 -20.57
CA LYS C 17 -22.25 12.94 -20.66
C LYS C 17 -22.78 11.60 -20.18
N LEU C 18 -23.60 11.63 -19.14
CA LEU C 18 -24.25 10.44 -18.57
C LEU C 18 -25.66 10.80 -18.18
N GLY C 19 -26.64 10.14 -18.79
CA GLY C 19 -28.05 10.45 -18.60
C GLY C 19 -28.42 11.85 -19.06
N ASN C 20 -29.24 12.52 -18.26
CA ASN C 20 -29.61 13.92 -18.46
C ASN C 20 -28.56 14.94 -17.99
N SER C 21 -27.36 14.50 -17.63
CA SER C 21 -26.32 15.36 -17.06
C SER C 21 -25.09 15.42 -17.97
N ALA C 22 -24.46 16.58 -18.05
CA ALA C 22 -23.20 16.71 -18.77
C ALA C 22 -22.28 17.71 -18.07
N ILE C 23 -20.98 17.45 -18.15
CA ILE C 23 -19.95 18.32 -17.60
C ILE C 23 -18.95 18.61 -18.71
N VAL C 24 -18.55 19.87 -18.84
CA VAL C 24 -17.41 20.23 -19.68
C VAL C 24 -16.32 20.82 -18.80
N THR C 25 -15.07 20.55 -19.16
CA THR C 25 -13.93 21.22 -18.58
C THR C 25 -13.01 21.68 -19.70
N GLN C 26 -12.40 22.84 -19.50
CA GLN C 26 -11.46 23.38 -20.46
C GLN C 26 -10.01 23.27 -19.97
N GLU C 27 -9.81 22.76 -18.76
CA GLU C 27 -8.46 22.50 -18.20
C GLU C 27 -8.44 21.16 -17.47
N ALA C 28 -8.65 20.08 -18.21
CA ALA C 28 -8.36 18.74 -17.71
C ALA C 28 -6.86 18.42 -17.80
N ALA C 29 -6.43 17.42 -17.04
CA ALA C 29 -5.12 16.79 -17.20
C ALA C 29 -5.30 15.30 -17.55
N ASN C 30 -5.78 15.03 -18.77
CA ASN C 30 -6.20 13.68 -19.21
C ASN C 30 -7.27 13.19 -18.23
N TYR C 31 -7.47 11.89 -18.07
CA TYR C 31 -8.15 11.37 -16.89
C TYR C 31 -7.71 9.96 -16.55
N CYS C 32 -7.92 9.58 -15.30
CA CYS C 32 -7.53 8.27 -14.77
C CYS C 32 -8.66 7.25 -14.90
N CYS C 33 -8.35 6.09 -15.47
CA CYS C 33 -9.14 4.88 -15.30
C CYS C 33 -8.45 3.99 -14.28
N ALA C 34 -9.08 3.78 -13.13
CA ALA C 34 -8.46 3.05 -12.03
C ALA C 34 -8.04 1.64 -12.44
N TYR C 35 -6.74 1.37 -12.27
CA TYR C 35 -6.09 0.11 -12.65
C TYR C 35 -6.34 -0.29 -14.10
N GLY C 36 -6.64 0.68 -14.97
CA GLY C 36 -6.96 0.41 -16.35
C GLY C 36 -8.27 -0.28 -16.64
N GLU C 37 -9.18 -0.34 -15.67
CA GLU C 37 -10.47 -0.99 -15.86
C GLU C 37 -11.53 0.04 -16.27
N TRP C 38 -12.60 -0.47 -16.86
CA TRP C 38 -13.80 0.28 -17.08
C TRP C 38 -14.95 -0.41 -16.36
N PRO C 39 -15.90 0.34 -15.80
CA PRO C 39 -17.12 -0.28 -15.26
C PRO C 39 -17.85 -1.19 -16.24
N ASN C 40 -18.40 -2.29 -15.71
CA ASN C 40 -19.26 -3.19 -16.46
C ASN C 40 -20.31 -3.78 -15.54
N TYR C 41 -21.40 -4.24 -16.13
CA TYR C 41 -22.37 -5.10 -15.45
C TYR C 41 -21.78 -6.47 -15.13
N LEU C 42 -22.34 -7.08 -14.09
CA LEU C 42 -21.95 -8.41 -13.64
C LEU C 42 -22.29 -9.51 -14.66
N PRO C 43 -21.32 -10.24 -15.20
CA PRO C 43 -21.63 -11.35 -16.10
C PRO C 43 -22.14 -12.58 -15.36
N ASP C 44 -22.84 -13.43 -16.12
CA ASP C 44 -23.50 -14.62 -15.58
C ASP C 44 -22.51 -15.60 -14.95
N HIS C 45 -21.30 -15.69 -15.47
CA HIS C 45 -20.31 -16.61 -14.89
C HIS C 45 -19.67 -16.09 -13.61
N GLU C 46 -19.94 -14.85 -13.19
CA GLU C 46 -19.52 -14.38 -11.88
C GLU C 46 -20.68 -14.16 -10.91
N ALA C 47 -21.92 -14.22 -11.38
CA ALA C 47 -23.09 -13.90 -10.58
C ALA C 47 -23.37 -14.92 -9.47
N VAL C 48 -23.95 -14.43 -8.38
CA VAL C 48 -24.30 -15.25 -7.23
C VAL C 48 -25.82 -15.24 -6.99
N ALA C 49 -26.38 -14.06 -6.76
CA ALA C 49 -27.81 -13.90 -6.53
C ALA C 49 -28.61 -14.22 -7.79
N ILE C 50 -29.59 -15.11 -7.65
CA ILE C 50 -30.28 -15.65 -8.81
C ILE C 50 -31.51 -14.87 -9.26
N ASP C 51 -32.05 -13.97 -8.44
CA ASP C 51 -33.14 -13.12 -8.90
C ASP C 51 -32.66 -12.18 -10.02
N LYS C 52 -33.57 -11.85 -10.91
CA LYS C 52 -33.28 -10.92 -11.99
C LYS C 52 -33.02 -9.51 -11.45
N PRO C 53 -31.84 -8.92 -11.71
CA PRO C 53 -31.55 -7.58 -11.21
C PRO C 53 -32.35 -6.50 -11.93
N THR C 54 -32.66 -5.44 -11.20
CA THR C 54 -33.04 -4.19 -11.83
C THR C 54 -31.80 -3.39 -12.23
N GLN C 55 -31.82 -2.84 -13.45
CA GLN C 55 -30.77 -1.99 -13.99
C GLN C 55 -31.39 -0.67 -14.43
N PRO C 56 -31.48 0.31 -13.53
CA PRO C 56 -32.25 1.54 -13.84
C PRO C 56 -31.62 2.44 -14.92
N GLU C 57 -30.39 2.19 -15.33
CA GLU C 57 -29.68 3.01 -16.32
C GLU C 57 -29.69 4.50 -16.00
N THR C 58 -30.24 5.33 -16.89
CA THR C 58 -30.13 6.78 -16.78
C THR C 58 -30.77 7.37 -15.52
N ALA C 59 -31.67 6.65 -14.86
CA ALA C 59 -32.21 7.14 -13.59
C ALA C 59 -31.17 7.18 -12.49
N THR C 60 -30.21 6.25 -12.49
CA THR C 60 -29.11 6.20 -11.54
C THR C 60 -27.77 6.63 -12.10
N ASP C 61 -27.50 6.38 -13.38
CA ASP C 61 -26.15 6.51 -13.95
C ASP C 61 -25.98 7.89 -14.56
N ARG C 62 -25.81 8.87 -13.66
CA ARG C 62 -25.84 10.29 -13.95
C ARG C 62 -25.05 10.99 -12.85
N PHE C 63 -24.54 12.18 -13.15
CA PHE C 63 -23.82 12.96 -12.15
C PHE C 63 -24.71 13.52 -11.05
N TYR C 64 -24.36 13.25 -9.81
CA TYR C 64 -24.88 13.95 -8.64
C TYR C 64 -23.81 14.87 -8.08
N THR C 65 -24.17 16.11 -7.80
CA THR C 65 -23.23 17.08 -7.26
C THR C 65 -23.44 17.24 -5.76
N LEU C 66 -22.38 17.06 -4.99
CA LEU C 66 -22.38 17.24 -3.55
C LEU C 66 -22.24 18.73 -3.18
N LYS C 67 -22.44 19.02 -1.91
CA LYS C 67 -22.12 20.33 -1.34
C LYS C 67 -20.64 20.67 -1.49
N SER C 68 -20.34 21.88 -1.93
CA SER C 68 -18.95 22.34 -2.02
C SER C 68 -18.31 22.58 -0.65
N VAL C 69 -17.00 22.44 -0.61
CA VAL C 69 -16.17 22.76 0.55
C VAL C 69 -15.26 23.93 0.21
N LYS C 70 -15.02 24.79 1.19
CA LYS C 70 -14.13 25.93 1.04
C LYS C 70 -12.68 25.52 1.26
N TRP C 71 -11.82 25.80 0.29
CA TRP C 71 -10.37 25.66 0.47
C TRP C 71 -9.84 26.85 1.27
N GLU C 72 -9.19 26.56 2.39
CA GLU C 72 -8.65 27.57 3.28
C GLU C 72 -7.18 27.30 3.53
N THR C 73 -6.50 28.31 4.07
CA THR C 73 -5.07 28.19 4.37
C THR C 73 -4.77 27.04 5.33
N GLY C 74 -5.64 26.81 6.31
CA GLY C 74 -5.51 25.75 7.29
C GLY C 74 -6.14 24.41 6.97
N SER C 75 -6.64 24.21 5.76
CA SER C 75 -7.33 22.96 5.41
C SER C 75 -6.43 21.73 5.51
N THR C 76 -6.97 20.67 6.10
CA THR C 76 -6.29 19.39 6.14
C THR C 76 -6.70 18.45 5.01
N GLY C 77 -7.75 18.76 4.27
CA GLY C 77 -8.31 17.85 3.28
C GLY C 77 -9.61 17.21 3.72
N TRP C 78 -10.28 16.63 2.73
CA TRP C 78 -11.66 16.18 2.82
C TRP C 78 -11.79 14.76 2.28
N TRP C 79 -12.80 14.05 2.74
CA TRP C 79 -13.07 12.70 2.23
C TRP C 79 -14.57 12.42 2.19
N TRP C 80 -14.96 11.57 1.24
CA TRP C 80 -16.30 11.04 1.08
C TRP C 80 -16.23 9.55 0.78
N LYS C 81 -17.14 8.78 1.36
CA LYS C 81 -17.16 7.34 1.15
C LYS C 81 -18.28 6.95 0.19
N LEU C 82 -17.98 6.02 -0.70
CA LEU C 82 -18.91 5.52 -1.69
C LEU C 82 -19.27 4.07 -1.42
N PRO C 83 -20.54 3.70 -1.39
CA PRO C 83 -21.73 4.46 -1.81
C PRO C 83 -22.33 5.41 -0.75
N ASP C 84 -21.82 5.40 0.48
CA ASP C 84 -22.42 6.14 1.59
C ASP C 84 -22.84 7.57 1.27
N ALA C 85 -21.98 8.35 0.60
CA ALA C 85 -22.31 9.72 0.26
C ALA C 85 -23.51 9.84 -0.68
N LEU C 86 -23.79 8.85 -1.50
CA LEU C 86 -24.91 8.89 -2.44
C LEU C 86 -26.14 8.13 -1.99
N ASN C 87 -26.07 7.40 -0.88
CA ASN C 87 -27.16 6.51 -0.46
C ASN C 87 -28.48 7.22 -0.19
N ASN C 88 -28.50 8.54 -0.04
CA ASN C 88 -29.75 9.27 0.12
C ASN C 88 -30.12 10.20 -1.04
N ILE C 89 -29.44 10.10 -2.18
CA ILE C 89 -29.59 11.07 -3.27
C ILE C 89 -30.29 10.44 -4.47
N GLY C 90 -31.37 11.08 -4.91
CA GLY C 90 -32.11 10.78 -6.13
C GLY C 90 -32.61 9.35 -6.25
N MET C 91 -32.69 8.88 -7.48
CA MET C 91 -33.11 7.50 -7.69
C MET C 91 -32.04 6.49 -7.34
N PHE C 92 -30.76 6.88 -7.32
CA PHE C 92 -29.75 5.99 -6.77
C PHE C 92 -30.06 5.66 -5.31
N GLY C 93 -30.30 6.69 -4.50
CA GLY C 93 -30.66 6.48 -3.12
C GLY C 93 -31.91 5.65 -2.89
N GLN C 94 -32.95 5.87 -3.69
CA GLN C 94 -34.16 5.07 -3.56
C GLN C 94 -33.92 3.59 -3.86
N ASN C 95 -33.22 3.28 -4.93
CA ASN C 95 -32.86 1.89 -5.19
C ASN C 95 -31.97 1.29 -4.11
N VAL C 96 -31.04 2.08 -3.56
CA VAL C 96 -30.24 1.61 -2.43
C VAL C 96 -31.12 1.21 -1.25
N GLN C 97 -32.13 2.02 -0.94
CA GLN C 97 -32.92 1.82 0.25
C GLN C 97 -33.89 0.66 0.12
N HIS C 98 -34.35 0.37 -1.09
CA HIS C 98 -35.29 -0.71 -1.33
C HIS C 98 -34.62 -2.04 -1.65
N HIS C 99 -33.33 -2.09 -1.88
CA HIS C 99 -32.67 -3.33 -2.28
C HIS C 99 -31.62 -3.75 -1.28
N TYR C 100 -31.55 -5.05 -1.03
CA TYR C 100 -30.51 -5.63 -0.20
C TYR C 100 -29.12 -5.51 -0.84
N LEU C 101 -29.01 -5.80 -2.14
CA LEU C 101 -27.72 -5.85 -2.80
C LEU C 101 -27.58 -4.77 -3.86
N TYR C 102 -26.37 -4.24 -3.97
CA TYR C 102 -25.98 -3.21 -4.92
C TYR C 102 -24.64 -3.56 -5.57
N ARG C 103 -24.44 -3.07 -6.79
CA ARG C 103 -23.14 -3.04 -7.45
C ARG C 103 -23.08 -1.84 -8.38
N SER C 104 -21.96 -1.13 -8.40
CA SER C 104 -21.72 -0.16 -9.47
C SER C 104 -20.24 0.22 -9.53
N GLY C 105 -19.85 0.79 -10.66
CA GLY C 105 -18.70 1.69 -10.72
C GLY C 105 -19.05 3.13 -10.37
N PHE C 106 -18.05 4.00 -10.50
CA PHE C 106 -18.25 5.45 -10.30
C PHE C 106 -17.40 6.26 -11.27
N LEU C 107 -17.94 7.37 -11.73
CA LEU C 107 -17.20 8.44 -12.37
C LEU C 107 -17.09 9.61 -11.39
N ILE C 108 -15.87 9.94 -10.98
CA ILE C 108 -15.59 11.05 -10.06
C ILE C 108 -14.99 12.22 -10.82
N HIS C 109 -15.61 13.39 -10.69
CA HIS C 109 -15.08 14.64 -11.25
C HIS C 109 -14.97 15.71 -10.17
N VAL C 110 -13.75 16.18 -9.92
CA VAL C 110 -13.45 17.18 -8.89
C VAL C 110 -13.12 18.50 -9.55
N GLN C 111 -13.74 19.58 -9.07
CA GLN C 111 -13.66 20.90 -9.69
C GLN C 111 -13.10 21.93 -8.72
N CYS C 112 -12.08 22.69 -9.16
CA CYS C 112 -11.55 23.82 -8.38
C CYS C 112 -10.79 24.75 -9.32
N ASN C 113 -11.24 26.00 -9.41
CA ASN C 113 -10.61 27.03 -10.23
C ASN C 113 -10.14 28.21 -9.38
N ALA C 114 -9.10 28.88 -9.85
CA ALA C 114 -8.59 30.10 -9.23
C ALA C 114 -7.96 30.96 -10.32
N THR C 115 -7.45 32.13 -9.95
CA THR C 115 -6.79 32.97 -10.93
C THR C 115 -5.40 32.44 -11.27
N LYS C 116 -4.81 33.01 -12.32
CA LYS C 116 -3.41 32.81 -12.67
C LYS C 116 -2.42 33.34 -11.64
N PHE C 117 -2.86 34.07 -10.63
CA PHE C 117 -2.01 34.48 -9.52
C PHE C 117 -2.12 33.59 -8.31
N HIS C 118 -3.01 32.62 -8.31
CA HIS C 118 -3.10 31.63 -7.23
C HIS C 118 -2.17 30.45 -7.45
N GLN C 119 -1.72 29.90 -6.34
CA GLN C 119 -0.98 28.64 -6.31
C GLN C 119 -1.61 27.71 -5.29
N GLY C 120 -1.43 26.41 -5.52
CA GLY C 120 -1.94 25.37 -4.63
C GLY C 120 -2.02 24.04 -5.35
N ALA C 121 -1.85 22.93 -4.65
CA ALA C 121 -1.97 21.62 -5.27
C ALA C 121 -2.79 20.67 -4.40
N LEU C 122 -3.83 20.10 -5.00
CA LEU C 122 -4.67 19.10 -4.37
C LEU C 122 -4.31 17.72 -4.92
N LEU C 123 -3.96 16.79 -4.05
CA LEU C 123 -4.00 15.37 -4.41
C LEU C 123 -5.43 14.87 -4.35
N VAL C 124 -5.94 14.37 -5.47
CA VAL C 124 -7.26 13.75 -5.57
C VAL C 124 -7.06 12.25 -5.73
N VAL C 125 -7.32 11.48 -4.68
CA VAL C 125 -6.99 10.06 -4.68
C VAL C 125 -8.23 9.24 -4.28
N ALA C 126 -8.51 8.19 -5.04
CA ALA C 126 -9.55 7.21 -4.72
C ALA C 126 -8.93 6.00 -4.05
N ILE C 127 -9.27 5.78 -2.78
CA ILE C 127 -8.69 4.71 -1.97
C ILE C 127 -9.70 3.57 -1.86
N PRO C 128 -9.36 2.37 -2.31
CA PRO C 128 -10.22 1.22 -2.02
C PRO C 128 -10.04 0.73 -0.58
N GLU C 129 -11.16 0.38 0.06
CA GLU C 129 -11.20 -0.12 1.44
C GLU C 129 -10.40 0.76 2.39
N HIS C 130 -10.71 2.05 2.41
CA HIS C 130 -10.02 2.96 3.32
C HIS C 130 -10.50 2.79 4.76
N GLN C 131 -10.12 1.67 5.37
CA GLN C 131 -10.35 1.42 6.78
C GLN C 131 -9.59 2.39 7.67
N ARG C 132 -10.30 3.30 8.31
CA ARG C 132 -9.73 4.37 9.13
C ARG C 132 -9.24 3.86 10.48
N GLY C 133 -8.19 4.49 10.98
CA GLY C 133 -7.82 4.39 12.38
C GLY C 133 -8.23 5.60 13.19
N ALA C 134 -8.38 5.41 14.49
CA ALA C 134 -8.41 6.52 15.45
C ALA C 134 -7.00 6.88 15.93
N HIS C 135 -6.82 8.15 16.25
CA HIS C 135 -5.59 8.61 16.87
C HIS C 135 -5.58 8.41 18.39
N ASN C 136 -4.47 7.86 18.90
CA ASN C 136 -4.10 7.86 20.32
C ASN C 136 -5.16 7.19 21.22
N THR C 137 -5.72 6.09 20.74
CA THR C 137 -6.65 5.30 21.54
C THR C 137 -6.59 3.85 21.07
N ASN C 138 -6.97 2.94 21.96
CA ASN C 138 -7.17 1.55 21.56
C ASN C 138 -8.56 1.28 20.98
N THR C 139 -9.52 2.16 21.23
CA THR C 139 -10.89 1.99 20.76
C THR C 139 -11.01 2.24 19.26
N SER C 140 -11.59 1.29 18.53
CA SER C 140 -11.84 1.45 17.11
C SER C 140 -12.82 2.59 16.82
N PRO C 141 -12.68 3.24 15.67
CA PRO C 141 -13.70 4.20 15.20
C PRO C 141 -15.11 3.63 15.23
N GLY C 142 -16.04 4.46 15.72
CA GLY C 142 -17.45 4.11 15.79
C GLY C 142 -18.19 4.38 14.49
N PHE C 143 -19.47 3.99 14.50
CA PHE C 143 -20.33 4.15 13.33
C PHE C 143 -20.40 5.61 12.85
N ASP C 144 -20.61 6.55 13.77
CA ASP C 144 -20.71 7.96 13.39
C ASP C 144 -19.38 8.61 13.01
N ASP C 145 -18.24 7.98 13.33
CA ASP C 145 -16.96 8.45 12.82
C ASP C 145 -16.76 8.10 11.35
N ILE C 146 -17.36 7.00 10.90
CA ILE C 146 -17.15 6.49 9.57
C ILE C 146 -18.23 6.95 8.60
N MET C 147 -19.50 6.84 9.00
CA MET C 147 -20.64 7.02 8.11
C MET C 147 -21.09 8.48 8.08
N LYS C 148 -20.34 9.30 7.35
CA LYS C 148 -20.58 10.74 7.25
C LYS C 148 -21.62 11.11 6.21
N GLY C 149 -21.97 10.20 5.31
CA GLY C 149 -22.92 10.45 4.26
C GLY C 149 -22.49 11.53 3.27
N GLU C 150 -23.49 12.24 2.78
CA GLU C 150 -23.33 13.24 1.73
C GLU C 150 -22.33 14.34 2.10
N GLU C 151 -22.25 14.69 3.39
CA GLU C 151 -21.37 15.75 3.83
C GLU C 151 -19.89 15.36 3.80
N GLY C 152 -19.58 14.09 3.95
CA GLY C 152 -18.21 13.64 4.08
C GLY C 152 -17.52 14.04 5.38
N GLY C 153 -16.23 13.72 5.43
CA GLY C 153 -15.40 14.07 6.56
C GLY C 153 -14.17 14.87 6.21
N THR C 154 -13.44 15.20 7.26
CA THR C 154 -12.18 15.92 7.19
C THR C 154 -11.07 15.02 7.72
N PHE C 155 -9.89 15.14 7.12
CA PHE C 155 -8.73 14.42 7.64
C PHE C 155 -8.26 14.99 8.96
N ASN C 156 -7.98 14.09 9.90
CA ASN C 156 -7.38 14.47 11.17
C ASN C 156 -5.88 14.60 11.02
N HIS C 157 -5.27 13.62 10.36
CA HIS C 157 -3.82 13.56 10.17
C HIS C 157 -3.56 13.09 8.75
N PRO C 158 -3.74 13.97 7.77
CA PRO C 158 -3.59 13.56 6.36
C PRO C 158 -2.22 13.00 6.05
N TYR C 159 -1.20 13.45 6.77
CA TYR C 159 0.16 12.96 6.61
C TYR C 159 0.28 11.45 6.77
N VAL C 160 -0.57 10.81 7.57
CA VAL C 160 -0.60 9.35 7.67
C VAL C 160 -1.91 8.77 7.12
N LEU C 161 -2.64 9.57 6.34
CA LEU C 161 -3.94 9.21 5.76
C LEU C 161 -4.97 8.77 6.81
N ASP C 162 -4.83 9.23 8.05
CA ASP C 162 -5.65 8.75 9.17
C ASP C 162 -5.66 7.23 9.33
N ASP C 163 -4.64 6.53 8.85
CA ASP C 163 -4.62 5.08 9.05
C ASP C 163 -3.22 4.56 9.33
N GLY C 164 -2.39 5.37 10.00
CA GLY C 164 -1.07 4.95 10.42
C GLY C 164 -0.11 4.68 9.29
N THR C 165 -0.34 5.27 8.12
CA THR C 165 0.29 4.90 6.88
C THR C 165 0.98 6.14 6.29
N SER C 166 0.73 6.53 5.05
CA SER C 166 1.60 7.49 4.39
C SER C 166 0.89 8.21 3.26
N LEU C 167 0.76 9.53 3.39
CA LEU C 167 0.37 10.37 2.27
C LEU C 167 1.38 10.28 1.13
N ALA C 168 2.65 10.22 1.45
CA ALA C 168 3.70 10.23 0.43
C ALA C 168 3.57 9.06 -0.52
N CYS C 169 3.21 7.89 -0.02
CA CYS C 169 3.02 6.69 -0.84
C CYS C 169 1.61 6.51 -1.37
N ALA C 170 0.68 7.43 -1.08
CA ALA C 170 -0.69 7.32 -1.54
C ALA C 170 -0.85 7.37 -3.06
N THR C 171 0.17 7.84 -3.79
CA THR C 171 0.17 7.75 -5.25
C THR C 171 0.11 6.32 -5.78
N ILE C 172 0.27 5.31 -4.93
CA ILE C 172 0.00 3.94 -5.35
C ILE C 172 -1.48 3.71 -5.67
N PHE C 173 -2.38 4.53 -5.16
CA PHE C 173 -3.78 4.47 -5.52
C PHE C 173 -4.10 5.30 -6.76
N PRO C 174 -5.22 4.99 -7.43
CA PRO C 174 -5.73 5.83 -8.52
C PRO C 174 -5.91 7.29 -8.12
N HIS C 175 -5.29 8.21 -8.87
CA HIS C 175 -5.24 9.60 -8.45
C HIS C 175 -5.00 10.53 -9.63
N GLN C 176 -5.29 11.81 -9.40
CA GLN C 176 -4.78 12.90 -10.22
C GLN C 176 -4.40 14.02 -9.26
N TRP C 177 -3.77 15.05 -9.79
CA TRP C 177 -3.58 16.31 -9.08
C TRP C 177 -4.36 17.42 -9.74
N ILE C 178 -4.87 18.33 -8.93
CA ILE C 178 -5.22 19.67 -9.39
C ILE C 178 -4.09 20.60 -8.93
N ASN C 179 -3.20 20.94 -9.86
CA ASN C 179 -2.20 21.98 -9.66
C ASN C 179 -2.74 23.24 -10.32
N LEU C 180 -3.03 24.27 -9.51
CA LEU C 180 -3.82 25.42 -9.97
C LEU C 180 -3.19 26.14 -11.14
N ARG C 181 -1.87 26.08 -11.24
CA ARG C 181 -1.12 26.56 -12.38
C ARG C 181 -1.46 25.79 -13.67
N THR C 182 -1.71 24.49 -13.54
CA THR C 182 -1.86 23.60 -14.70
C THR C 182 -3.31 23.34 -15.08
N ASN C 183 -4.14 22.96 -14.12
CA ASN C 183 -5.45 22.41 -14.42
C ASN C 183 -6.41 22.81 -13.31
N ASN C 184 -7.70 22.71 -13.62
CA ASN C 184 -8.76 23.05 -12.69
C ASN C 184 -9.77 21.93 -12.46
N SER C 185 -9.52 20.74 -12.99
CA SER C 185 -10.39 19.62 -12.67
C SER C 185 -9.62 18.31 -12.74
N ALA C 186 -10.15 17.31 -12.04
CA ALA C 186 -9.64 15.95 -12.01
C ALA C 186 -10.75 14.96 -12.29
N THR C 187 -10.44 13.89 -13.00
CA THR C 187 -11.43 12.86 -13.31
C THR C 187 -10.85 11.46 -13.08
N ILE C 188 -11.56 10.65 -12.31
CA ILE C 188 -11.21 9.27 -12.04
C ILE C 188 -12.41 8.38 -12.34
N VAL C 189 -12.19 7.33 -13.12
CA VAL C 189 -13.19 6.31 -13.37
C VAL C 189 -12.86 5.09 -12.51
N LEU C 190 -13.80 4.69 -11.65
CA LEU C 190 -13.62 3.57 -10.74
C LEU C 190 -14.45 2.38 -11.18
N PRO C 191 -13.86 1.21 -11.40
CA PRO C 191 -14.66 -0.01 -11.56
C PRO C 191 -15.23 -0.46 -10.22
N TRP C 192 -16.12 -1.44 -10.28
CA TRP C 192 -16.48 -2.21 -9.10
C TRP C 192 -15.24 -2.85 -8.47
N MET C 193 -15.11 -2.69 -7.16
CA MET C 193 -13.87 -3.01 -6.46
C MET C 193 -14.22 -3.65 -5.12
N ASN C 194 -14.42 -4.96 -5.11
CA ASN C 194 -14.90 -5.66 -3.94
C ASN C 194 -14.44 -7.10 -4.04
N ALA C 195 -14.38 -7.77 -2.89
CA ALA C 195 -14.11 -9.21 -2.89
C ALA C 195 -15.34 -10.03 -3.28
N ALA C 196 -16.53 -9.54 -3.06
CA ALA C 196 -17.75 -10.17 -3.51
C ALA C 196 -18.27 -9.54 -4.79
N PRO C 197 -19.06 -10.27 -5.59
CA PRO C 197 -19.66 -9.65 -6.78
C PRO C 197 -20.70 -8.57 -6.51
N MET C 198 -21.39 -8.59 -5.36
CA MET C 198 -22.31 -7.52 -4.97
C MET C 198 -22.16 -7.31 -3.48
N ASP C 199 -22.74 -6.22 -2.98
CA ASP C 199 -22.66 -5.97 -1.54
C ASP C 199 -23.91 -5.27 -1.03
N PHE C 200 -24.09 -5.33 0.28
CA PHE C 200 -25.06 -4.54 1.02
C PHE C 200 -24.56 -3.11 1.11
N PRO C 201 -25.22 -2.14 0.49
CA PRO C 201 -24.64 -0.78 0.39
C PRO C 201 -24.61 0.01 1.69
N LEU C 202 -25.30 -0.42 2.75
CA LEU C 202 -25.38 0.37 3.98
C LEU C 202 -24.33 0.02 5.02
N ARG C 203 -23.55 -1.03 4.84
CA ARG C 203 -22.59 -1.44 5.85
C ARG C 203 -21.15 -1.53 5.35
N HIS C 204 -20.92 -1.32 4.06
CA HIS C 204 -19.56 -1.41 3.54
C HIS C 204 -19.35 -0.36 2.45
N ASN C 205 -18.22 0.34 2.50
CA ASN C 205 -17.82 1.28 1.46
C ASN C 205 -16.65 0.72 0.66
N GLN C 206 -16.84 0.58 -0.66
CA GLN C 206 -15.77 0.11 -1.54
C GLN C 206 -14.67 1.16 -1.71
N TRP C 207 -15.04 2.41 -1.88
CA TRP C 207 -14.14 3.48 -2.27
C TRP C 207 -14.26 4.67 -1.33
N THR C 208 -13.12 5.33 -1.07
CA THR C 208 -13.09 6.65 -0.45
C THR C 208 -12.39 7.64 -1.37
N LEU C 209 -13.10 8.72 -1.73
CA LEU C 209 -12.49 9.87 -2.37
C LEU C 209 -11.80 10.75 -1.33
N ALA C 210 -10.50 10.94 -1.47
CA ALA C 210 -9.75 11.86 -0.63
C ALA C 210 -9.20 13.01 -1.46
N ILE C 211 -9.41 14.23 -0.99
CA ILE C 211 -8.87 15.44 -1.59
C ILE C 211 -8.00 16.09 -0.53
N ILE C 212 -6.69 16.13 -0.76
CA ILE C 212 -5.74 16.62 0.23
C ILE C 212 -4.88 17.75 -0.36
N PRO C 213 -4.84 18.93 0.26
CA PRO C 213 -4.02 20.08 -0.18
C PRO C 213 -2.54 19.99 0.22
N VAL C 214 -1.78 19.20 -0.54
CA VAL C 214 -0.36 18.99 -0.27
C VAL C 214 0.44 20.27 -0.43
N VAL C 215 0.08 21.11 -1.39
CA VAL C 215 0.57 22.49 -1.43
C VAL C 215 -0.60 23.41 -1.08
N PRO C 216 -0.45 24.26 -0.06
CA PRO C 216 -1.58 25.10 0.36
C PRO C 216 -1.94 26.18 -0.63
N LEU C 217 -3.19 26.61 -0.58
CA LEU C 217 -3.67 27.73 -1.37
C LEU C 217 -2.98 29.04 -0.96
N GLY C 218 -2.43 29.76 -1.92
CA GLY C 218 -1.81 31.05 -1.66
C GLY C 218 -1.92 31.99 -2.82
N THR C 219 -1.96 33.29 -2.52
CA THR C 219 -1.94 34.35 -3.52
C THR C 219 -1.62 35.66 -2.82
N ARG C 220 -1.31 36.69 -3.60
CA ARG C 220 -1.30 38.07 -3.09
C ARG C 220 -2.32 38.98 -3.77
N THR C 221 -3.17 38.46 -4.65
CA THR C 221 -4.36 39.20 -5.07
C THR C 221 -5.32 39.34 -3.89
N THR C 222 -6.36 40.12 -4.10
CA THR C 222 -7.50 40.11 -3.18
C THR C 222 -8.05 38.69 -3.06
N SER C 223 -8.30 38.27 -1.83
CA SER C 223 -8.81 36.93 -1.56
C SER C 223 -10.25 36.75 -2.04
N SER C 224 -10.55 35.54 -2.46
CA SER C 224 -11.89 35.09 -2.76
C SER C 224 -12.09 33.72 -2.13
N MET C 225 -13.35 33.36 -1.94
CA MET C 225 -13.68 31.98 -1.61
C MET C 225 -13.30 31.08 -2.79
N VAL C 226 -12.44 30.10 -2.52
CA VAL C 226 -12.04 29.09 -3.51
C VAL C 226 -12.69 27.76 -3.14
N PRO C 227 -13.87 27.45 -3.68
CA PRO C 227 -14.51 26.16 -3.40
C PRO C 227 -13.94 24.98 -4.18
N ILE C 228 -14.04 23.81 -3.55
CA ILE C 228 -13.86 22.54 -4.22
C ILE C 228 -15.21 21.84 -4.31
N THR C 229 -15.58 21.41 -5.53
CA THR C 229 -16.87 20.79 -5.80
C THR C 229 -16.66 19.37 -6.34
N VAL C 230 -17.49 18.44 -5.86
CA VAL C 230 -17.42 17.02 -6.22
C VAL C 230 -18.71 16.60 -6.92
N SER C 231 -18.58 16.07 -8.13
CA SER C 231 -19.67 15.46 -8.89
C SER C 231 -19.35 13.99 -9.14
N ILE C 232 -20.26 13.10 -8.76
CA ILE C 232 -20.07 11.66 -8.89
C ILE C 232 -21.20 11.05 -9.69
N ALA C 233 -20.88 10.30 -10.74
CA ALA C 233 -21.85 9.48 -11.44
C ALA C 233 -21.65 8.02 -11.09
N PRO C 234 -22.62 7.36 -10.42
CA PRO C 234 -22.68 5.90 -10.47
C PRO C 234 -22.72 5.37 -11.89
N MET C 235 -22.08 4.23 -12.11
CA MET C 235 -22.01 3.65 -13.44
C MET C 235 -22.35 2.16 -13.41
N CYS C 236 -23.17 1.72 -14.36
CA CYS C 236 -23.67 0.33 -14.45
C CYS C 236 -24.30 -0.16 -13.14
N CYS C 237 -25.21 0.62 -12.58
CA CYS C 237 -25.85 0.21 -11.33
C CYS C 237 -26.74 -1.01 -11.52
N GLU C 238 -26.61 -1.97 -10.62
CA GLU C 238 -27.50 -3.12 -10.51
C GLU C 238 -27.93 -3.24 -9.06
N PHE C 239 -29.19 -3.63 -8.86
CA PHE C 239 -29.74 -3.88 -7.54
C PHE C 239 -30.48 -5.21 -7.52
N ASN C 240 -30.31 -5.94 -6.42
CA ASN C 240 -30.90 -7.25 -6.20
C ASN C 240 -31.48 -7.29 -4.79
N GLY C 241 -32.45 -8.20 -4.58
CA GLY C 241 -33.12 -8.38 -3.31
C GLY C 241 -34.07 -7.27 -2.94
N LEU C 242 -35.09 -7.09 -3.76
CA LEU C 242 -36.15 -6.11 -3.51
C LEU C 242 -36.96 -6.46 -2.26
N ARG C 243 -37.26 -5.45 -1.46
CA ARG C 243 -38.04 -5.55 -0.23
C ARG C 243 -38.60 -4.16 0.06
N HIS C 244 -39.12 -3.94 1.25
CA HIS C 244 -39.45 -2.59 1.69
C HIS C 244 -38.19 -1.75 1.89
N ALA C 245 -38.38 -0.42 1.85
CA ALA C 245 -37.28 0.51 2.05
C ALA C 245 -36.80 0.53 3.49
N ILE C 246 -35.49 0.42 3.69
CA ILE C 246 -34.90 0.70 4.99
C ILE C 246 -34.97 2.19 5.27
N THR C 247 -34.51 2.99 4.31
CA THR C 247 -34.68 4.46 4.26
C THR C 247 -34.25 5.19 5.54
N ILE D 30 7.10 -33.38 -5.88
CA ILE D 30 6.55 -34.57 -5.23
C ILE D 30 5.29 -34.19 -4.46
N ASN D 31 4.15 -34.70 -4.91
CA ASN D 31 2.87 -34.41 -4.27
C ASN D 31 1.97 -35.63 -4.44
N PHE D 32 1.83 -36.42 -3.38
CA PHE D 32 0.97 -37.59 -3.38
C PHE D 32 -0.38 -37.35 -2.71
N TYR D 33 -0.65 -36.15 -2.23
CA TYR D 33 -1.96 -35.83 -1.67
C TYR D 33 -3.00 -35.68 -2.77
N LYS D 34 -4.25 -35.98 -2.41
CA LYS D 34 -5.39 -35.93 -3.33
C LYS D 34 -5.94 -34.54 -3.58
N ASP D 35 -5.64 -33.56 -2.73
CA ASP D 35 -6.11 -32.20 -2.91
C ASP D 35 -5.01 -31.33 -3.49
N SER D 36 -5.34 -30.61 -4.57
CA SER D 36 -4.34 -29.82 -5.27
C SER D 36 -3.83 -28.63 -4.46
N TYR D 37 -4.62 -28.11 -3.51
CA TYR D 37 -4.14 -27.04 -2.63
C TYR D 37 -3.03 -27.50 -1.68
N ALA D 38 -2.85 -28.80 -1.51
CA ALA D 38 -1.75 -29.34 -0.72
C ALA D 38 -0.37 -29.10 -1.34
N ALA D 39 -0.29 -28.88 -2.65
CA ALA D 39 0.98 -28.76 -3.35
C ALA D 39 1.88 -27.67 -2.78
N SER D 40 3.16 -27.76 -3.12
CA SER D 40 4.16 -26.73 -2.87
C SER D 40 3.85 -25.45 -3.66
N ALA D 41 4.57 -24.38 -3.28
CA ALA D 41 4.37 -23.05 -3.87
C ALA D 41 4.62 -23.02 -5.37
N SER D 42 3.93 -22.09 -6.03
CA SER D 42 3.94 -21.86 -7.47
C SER D 42 4.69 -20.56 -7.79
N LYS D 43 6.01 -20.67 -7.96
CA LYS D 43 6.92 -19.55 -8.17
C LYS D 43 7.23 -19.25 -9.64
N GLN D 44 6.33 -19.59 -10.57
CA GLN D 44 6.64 -19.50 -12.00
C GLN D 44 5.89 -18.41 -12.77
N ASP D 45 5.09 -17.57 -12.13
CA ASP D 45 4.26 -16.57 -12.83
C ASP D 45 4.99 -15.25 -13.06
N PHE D 46 5.69 -15.15 -14.19
CA PHE D 46 6.46 -13.98 -14.57
C PHE D 46 5.70 -12.92 -15.37
N SER D 47 4.39 -13.04 -15.53
CA SER D 47 3.61 -11.98 -16.16
C SER D 47 3.56 -10.72 -15.30
N GLN D 48 3.81 -9.57 -15.93
CA GLN D 48 3.68 -8.27 -15.30
C GLN D 48 2.82 -7.37 -16.18
N ASP D 49 2.15 -6.41 -15.57
CA ASP D 49 1.60 -5.25 -16.29
C ASP D 49 1.69 -4.01 -15.41
N PRO D 50 2.89 -3.43 -15.28
CA PRO D 50 3.05 -2.27 -14.39
C PRO D 50 2.27 -1.03 -14.82
N SER D 51 1.94 -0.90 -16.10
CA SER D 51 1.16 0.23 -16.58
C SER D 51 -0.20 0.39 -15.89
N LYS D 52 -0.78 -0.67 -15.33
CA LYS D 52 -2.03 -0.47 -14.59
C LYS D 52 -1.84 0.35 -13.32
N PHE D 53 -0.61 0.48 -12.82
CA PHE D 53 -0.31 1.39 -11.72
C PHE D 53 0.45 2.63 -12.17
N THR D 54 1.31 2.52 -13.19
CA THR D 54 2.13 3.65 -13.62
C THR D 54 1.47 4.50 -14.69
N GLU D 55 0.58 3.95 -15.49
CA GLU D 55 0.02 4.68 -16.63
C GLU D 55 -1.49 4.53 -16.77
N PRO D 56 -2.27 4.72 -15.69
CA PRO D 56 -3.73 4.52 -15.80
C PRO D 56 -4.47 5.63 -16.55
N VAL D 57 -3.76 6.37 -17.39
CA VAL D 57 -4.38 7.42 -18.20
C VAL D 57 -5.10 6.80 -19.39
N VAL D 58 -6.26 7.35 -19.71
CA VAL D 58 -7.09 6.82 -20.80
C VAL D 58 -6.42 7.02 -22.16
N GLU D 59 -5.69 8.12 -22.35
CA GLU D 59 -4.87 8.29 -23.55
C GLU D 59 -3.41 8.10 -23.19
N GLY D 60 -2.77 7.15 -23.87
CA GLY D 60 -1.43 6.75 -23.50
C GLY D 60 -0.42 7.86 -23.70
N LEU D 61 0.60 7.84 -22.85
CA LEU D 61 1.70 8.78 -22.95
C LEU D 61 2.47 8.59 -24.25
N LYS D 62 3.22 9.62 -24.62
CA LYS D 62 4.05 9.62 -25.82
C LYS D 62 5.50 9.87 -25.42
N ALA D 63 6.42 9.41 -26.25
CA ALA D 63 7.84 9.68 -26.08
C ALA D 63 8.32 10.87 -26.93
N ALA D 65 7.83 14.50 -26.43
CA ALA D 65 6.48 14.84 -26.87
C ALA D 65 5.63 15.36 -25.71
N PRO D 66 5.26 16.65 -25.78
CA PRO D 66 4.50 17.26 -24.68
C PRO D 66 3.26 16.48 -24.28
N VAL D 67 3.19 16.11 -23.01
CA VAL D 67 2.10 15.28 -22.52
C VAL D 67 0.82 16.09 -22.36
N LEU D 68 0.90 17.37 -22.02
CA LEU D 68 -0.28 18.21 -22.02
C LEU D 68 -0.22 19.28 -23.10
#